data_6ODA
#
_entry.id   6ODA
#
_cell.length_a   87.750
_cell.length_b   91.290
_cell.length_c   92.700
_cell.angle_alpha   90.00
_cell.angle_beta   94.09
_cell.angle_gamma   90.00
#
_symmetry.space_group_name_H-M   'P 1 21 1'
#
loop_
_entity.id
_entity.type
_entity.pdbx_description
1 polymer 'Histone deacetylase 8'
2 non-polymer N-{2-[3-(hydroxyamino)-3-oxopropyl]phenyl}-3-(trifluoromethyl)benzamide
3 non-polymer 'ZINC ION'
4 non-polymer 'POTASSIUM ION'
5 water water
#
_entity_poly.entity_id   1
_entity_poly.type   'polypeptide(L)'
_entity_poly.pdbx_seq_one_letter_code
;MHHHHHHSSGVDLGTENLYFQSNAMEEPEEPADSGQSLVPVYIYSPEYVSMCDSLAKIPKRASMVHSLIEAYALHKQMRI
VKPKVASMEEMATFHTDAYLQHLQKVSQEGDDDHPDSIEYGLGYDCPATEGIFDYAAAIGGATITAAQCLIDGMCKVAIN
WSGGWHHAKKDEASGFCYLNDAVLGILRLRRKFERILYVDLDLHHGDGVEDAFSFTSKVMTVSLHKFSPGFFPGTGDVSD
VGLGKGRYYSVNVPIQDGIQDEKYYQICESVLKEVYQAFNPKAVVLQLGADTIAGDPMCSFNMTPVGIGKCLKYILQWQL
ATLILGGGGYNLANTARCWTYLTGVILGKTLSSEIPDHEFFTAYGPDYVLEITPSCRPDRNEPHRIQQILNYIKGNLKHV
VIEGRGSHHHHHH
;
_entity_poly.pdbx_strand_id   A,B,C
#
loop_
_chem_comp.id
_chem_comp.type
_chem_comp.name
_chem_comp.formula
C7 non-polymer N-{2-[3-(hydroxyamino)-3-oxopropyl]phenyl}-3-(trifluoromethyl)benzamide 'C17 H15 F3 N2 O3'
K non-polymer 'POTASSIUM ION' 'K 1'
ZN non-polymer 'ZINC ION' 'Zn 2'
#
# COMPACT_ATOMS: atom_id res chain seq x y z
N LEU A 38 -3.84 -31.45 8.49
CA LEU A 38 -3.39 -31.20 9.90
C LEU A 38 -1.97 -31.70 10.24
N VAL A 39 -1.41 -32.61 9.44
CA VAL A 39 0.04 -32.92 9.52
C VAL A 39 0.85 -31.87 8.77
N PRO A 40 2.00 -31.43 9.33
CA PRO A 40 2.79 -30.46 8.59
C PRO A 40 3.48 -31.05 7.36
N VAL A 41 3.66 -30.21 6.34
CA VAL A 41 4.48 -30.55 5.18
C VAL A 41 5.96 -30.21 5.46
N TYR A 42 6.84 -31.14 5.09
CA TYR A 42 8.28 -31.00 5.22
C TYR A 42 8.87 -31.04 3.82
N ILE A 43 9.32 -29.89 3.32
CA ILE A 43 9.85 -29.81 1.95
C ILE A 43 11.25 -30.42 1.89
N TYR A 44 11.35 -31.58 1.26
CA TYR A 44 12.62 -32.32 1.20
C TYR A 44 12.69 -33.29 0.03
N SER A 45 13.85 -33.32 -0.63
CA SER A 45 14.35 -34.48 -1.39
C SER A 45 15.84 -34.63 -1.09
N PRO A 46 16.46 -35.77 -1.48
CA PRO A 46 17.93 -35.89 -1.41
C PRO A 46 18.66 -34.89 -2.31
N GLU A 47 18.15 -34.73 -3.54
CA GLU A 47 18.76 -33.84 -4.54
C GLU A 47 18.68 -32.36 -4.14
N TYR A 48 17.59 -31.99 -3.47
CA TYR A 48 17.43 -30.65 -2.89
C TYR A 48 18.47 -30.42 -1.78
N VAL A 49 18.60 -31.36 -0.84
CA VAL A 49 19.53 -31.21 0.28
C VAL A 49 20.98 -31.17 -0.20
N SER A 50 21.34 -32.03 -1.17
CA SER A 50 22.72 -32.02 -1.72
C SER A 50 23.10 -30.70 -2.38
N MET A 51 22.15 -30.08 -3.08
CA MET A 51 22.41 -28.77 -3.68
C MET A 51 22.54 -27.66 -2.64
N CYS A 52 21.73 -27.69 -1.60
CA CYS A 52 21.84 -26.72 -0.50
C CYS A 52 23.10 -26.93 0.35
N ASP A 53 23.69 -28.14 0.32
CA ASP A 53 25.02 -28.37 0.94
C ASP A 53 26.19 -27.74 0.18
N SER A 54 26.01 -27.53 -1.13
CA SER A 54 27.08 -27.08 -2.04
C SER A 54 27.34 -25.57 -2.07
N LEU A 55 26.66 -24.79 -1.23
CA LEU A 55 27.00 -23.36 -1.09
C LEU A 55 28.07 -23.27 -0.05
N ALA A 56 29.24 -22.77 -0.44
CA ALA A 56 30.38 -22.58 0.47
C ALA A 56 30.08 -21.45 1.46
N LYS A 57 30.95 -21.34 2.47
CA LYS A 57 30.74 -20.49 3.66
C LYS A 57 29.71 -21.08 4.65
N ILE A 58 29.23 -22.29 4.38
CA ILE A 58 28.12 -22.90 5.13
C ILE A 58 27.97 -24.39 4.69
N PRO A 59 29.09 -25.16 4.69
CA PRO A 59 29.08 -26.44 3.98
C PRO A 59 28.34 -27.54 4.76
N LYS A 60 27.58 -28.37 4.04
CA LYS A 60 26.91 -29.55 4.61
C LYS A 60 25.84 -29.23 5.70
N ARG A 61 25.33 -27.99 5.71
CA ARG A 61 24.40 -27.55 6.78
C ARG A 61 23.00 -28.09 6.55
N ALA A 62 22.51 -27.99 5.32
CA ALA A 62 21.21 -28.55 4.94
C ALA A 62 21.11 -30.01 5.36
N SER A 63 22.16 -30.75 5.02
CA SER A 63 22.30 -32.16 5.39
C SER A 63 22.28 -32.40 6.90
N MET A 64 22.99 -31.58 7.66
CA MET A 64 23.06 -31.71 9.13
C MET A 64 21.71 -31.54 9.80
N VAL A 65 20.92 -30.58 9.28
CA VAL A 65 19.60 -30.26 9.82
C VAL A 65 18.68 -31.44 9.57
N HIS A 66 18.56 -31.85 8.31
CA HIS A 66 17.76 -33.01 7.94
C HIS A 66 18.19 -34.27 8.70
N SER A 67 19.50 -34.51 8.74
CA SER A 67 20.07 -35.66 9.42
C SER A 67 19.63 -35.76 10.88
N LEU A 68 19.54 -34.63 11.58
CA LEU A 68 19.14 -34.60 13.00
C LEU A 68 17.62 -34.70 13.17
N ILE A 69 16.87 -34.02 12.30
CA ILE A 69 15.39 -34.12 12.25
C ILE A 69 14.96 -35.57 12.00
N GLU A 70 15.67 -36.24 11.09
CA GLU A 70 15.45 -37.65 10.76
C GLU A 70 15.81 -38.56 11.95
N ALA A 71 16.89 -38.24 12.65
CA ALA A 71 17.35 -39.06 13.78
C ALA A 71 16.43 -39.04 14.99
N TYR A 72 15.64 -37.97 15.12
CA TYR A 72 14.60 -37.85 16.16
C TYR A 72 13.24 -38.43 15.71
N ALA A 73 13.19 -39.03 14.52
CA ALA A 73 12.00 -39.66 13.95
C ALA A 73 10.85 -38.69 13.64
N LEU A 74 11.20 -37.43 13.40
CA LEU A 74 10.22 -36.37 13.20
C LEU A 74 9.64 -36.33 11.80
N HIS A 75 10.45 -36.77 10.82
CA HIS A 75 9.97 -36.93 9.45
C HIS A 75 8.81 -37.92 9.33
N LYS A 76 8.72 -38.88 10.25
CA LYS A 76 7.64 -39.89 10.29
C LYS A 76 6.29 -39.32 10.71
N GLN A 77 6.25 -38.09 11.20
CA GLN A 77 5.01 -37.42 11.59
C GLN A 77 4.68 -36.24 10.69
N MET A 78 5.41 -36.10 9.59
CA MET A 78 5.22 -35.02 8.63
C MET A 78 5.02 -35.60 7.23
N ARG A 79 4.46 -34.78 6.33
CA ARG A 79 4.31 -35.17 4.94
C ARG A 79 5.50 -34.67 4.14
N ILE A 80 6.32 -35.61 3.66
CA ILE A 80 7.49 -35.27 2.86
C ILE A 80 7.04 -34.95 1.43
N VAL A 81 7.33 -33.73 0.99
CA VAL A 81 6.93 -33.25 -0.32
C VAL A 81 8.20 -32.83 -1.07
N LYS A 82 8.43 -33.40 -2.25
CA LYS A 82 9.59 -33.05 -3.05
C LYS A 82 9.42 -31.65 -3.62
N PRO A 83 10.47 -30.81 -3.50
CA PRO A 83 10.37 -29.47 -4.05
C PRO A 83 10.50 -29.50 -5.56
N LYS A 84 9.72 -28.67 -6.23
CA LYS A 84 9.90 -28.42 -7.65
C LYS A 84 10.98 -27.36 -7.80
N VAL A 85 11.60 -27.32 -8.97
CA VAL A 85 12.53 -26.26 -9.32
C VAL A 85 11.70 -25.09 -9.83
N ALA A 86 12.02 -23.88 -9.40
CA ALA A 86 11.32 -22.69 -9.87
C ALA A 86 11.69 -22.40 -11.32
N SER A 87 10.67 -22.12 -12.13
CA SER A 87 10.89 -21.75 -13.53
C SER A 87 11.36 -20.31 -13.62
N MET A 88 11.81 -19.92 -14.81
CA MET A 88 12.24 -18.55 -15.03
C MET A 88 11.09 -17.57 -14.77
N GLU A 89 9.89 -17.93 -15.21
CA GLU A 89 8.73 -17.05 -15.05
C GLU A 89 8.35 -16.87 -13.58
N GLU A 90 8.27 -17.98 -12.85
CA GLU A 90 8.06 -17.95 -11.39
C GLU A 90 9.09 -17.06 -10.71
N MET A 91 10.38 -17.28 -11.04
CA MET A 91 11.48 -16.49 -10.48
C MET A 91 11.38 -15.02 -10.86
N ALA A 92 10.92 -14.75 -12.08
CA ALA A 92 10.76 -13.39 -12.59
C ALA A 92 9.55 -12.61 -12.03
N THR A 93 8.72 -13.24 -11.19
CA THR A 93 7.61 -12.52 -10.54
C THR A 93 8.10 -11.46 -9.55
N PHE A 94 9.32 -11.65 -9.01
CA PHE A 94 10.00 -10.62 -8.22
C PHE A 94 11.20 -10.04 -8.96
N HIS A 95 12.08 -10.90 -9.45
CA HIS A 95 13.34 -10.47 -10.02
C HIS A 95 13.24 -10.03 -11.48
N THR A 96 14.14 -9.14 -11.88
CA THR A 96 14.23 -8.65 -13.25
C THR A 96 14.91 -9.72 -14.08
N ASP A 97 14.57 -9.80 -15.37
CA ASP A 97 15.16 -10.79 -16.26
C ASP A 97 16.66 -10.59 -16.42
N ALA A 98 17.08 -9.32 -16.52
CA ALA A 98 18.50 -8.97 -16.65
C ALA A 98 19.35 -9.55 -15.53
N TYR A 99 18.82 -9.51 -14.30
CA TYR A 99 19.49 -10.11 -13.16
C TYR A 99 19.51 -11.64 -13.24
N LEU A 100 18.35 -12.24 -13.44
CA LEU A 100 18.24 -13.70 -13.53
C LEU A 100 19.11 -14.26 -14.66
N GLN A 101 19.10 -13.59 -15.81
CA GLN A 101 19.93 -13.99 -16.96
C GLN A 101 21.43 -13.90 -16.67
N HIS A 102 21.85 -12.81 -16.03
CA HIS A 102 23.24 -12.70 -15.58
C HIS A 102 23.61 -13.81 -14.58
N LEU A 103 22.69 -14.08 -13.66
CA LEU A 103 22.87 -15.14 -12.65
C LEU A 103 22.99 -16.50 -13.31
N GLN A 104 22.25 -16.72 -14.40
CA GLN A 104 22.32 -17.96 -15.18
C GLN A 104 23.67 -18.10 -15.87
N LYS A 105 24.13 -17.03 -16.52
CA LYS A 105 25.43 -17.01 -17.23
C LYS A 105 26.58 -17.36 -16.33
N VAL A 106 26.70 -16.60 -15.24
CA VAL A 106 27.71 -16.81 -14.19
C VAL A 106 27.74 -18.27 -13.68
N SER A 107 26.58 -18.88 -13.55
CA SER A 107 26.46 -20.27 -13.09
C SER A 107 27.12 -21.30 -14.02
N GLN A 108 27.07 -21.06 -15.33
CA GLN A 108 27.72 -21.91 -16.34
C GLN A 108 29.24 -21.64 -16.39
N GLU A 109 29.61 -20.37 -16.49
CA GLU A 109 31.00 -19.92 -16.61
C GLU A 109 31.58 -19.67 -15.19
N GLY A 110 31.91 -18.43 -14.83
CA GLY A 110 32.23 -18.06 -13.44
C GLY A 110 33.10 -16.84 -13.21
N ASP A 111 32.53 -15.63 -13.35
CA ASP A 111 33.22 -14.40 -12.91
C ASP A 111 34.37 -13.86 -13.79
N ASP A 112 35.19 -14.75 -14.37
CA ASP A 112 36.18 -14.37 -15.37
C ASP A 112 35.52 -14.27 -16.74
N ASP A 113 35.92 -13.27 -17.52
CA ASP A 113 35.23 -12.90 -18.75
C ASP A 113 33.83 -12.28 -18.50
N HIS A 114 33.59 -11.81 -17.27
CA HIS A 114 32.32 -11.20 -16.86
C HIS A 114 32.58 -10.21 -15.69
N PRO A 115 32.97 -8.95 -16.03
CA PRO A 115 33.15 -7.88 -15.04
C PRO A 115 31.84 -7.15 -14.70
N ASP A 116 30.75 -7.51 -15.38
CA ASP A 116 29.40 -6.99 -15.12
C ASP A 116 28.83 -7.44 -13.74
N SER A 117 29.45 -8.47 -13.13
CA SER A 117 29.04 -9.05 -11.83
C SER A 117 28.79 -8.04 -10.70
N ILE A 118 29.64 -7.03 -10.59
CA ILE A 118 29.55 -6.02 -9.51
C ILE A 118 28.20 -5.30 -9.50
N GLU A 119 27.67 -4.98 -10.69
CA GLU A 119 26.36 -4.32 -10.86
C GLU A 119 25.22 -5.09 -10.19
N TYR A 120 25.26 -6.42 -10.29
CA TYR A 120 24.19 -7.29 -9.82
C TYR A 120 24.44 -7.90 -8.42
N GLY A 121 25.30 -7.27 -7.61
CA GLY A 121 25.50 -7.69 -6.21
C GLY A 121 26.43 -8.86 -5.96
N LEU A 122 26.96 -9.48 -7.02
CA LEU A 122 27.96 -10.54 -6.87
C LEU A 122 29.32 -9.92 -6.48
N GLY A 123 30.08 -10.65 -5.67
CA GLY A 123 31.31 -10.14 -5.08
C GLY A 123 31.83 -11.07 -4.02
N TYR A 124 32.51 -10.56 -3.00
CA TYR A 124 33.01 -11.41 -1.91
C TYR A 124 31.86 -11.91 -1.02
N ASP A 125 30.95 -11.00 -0.69
CA ASP A 125 29.79 -11.31 0.13
C ASP A 125 28.86 -12.35 -0.53
N CYS A 126 28.70 -12.21 -1.85
CA CYS A 126 27.91 -13.14 -2.66
C CYS A 126 28.79 -13.69 -3.79
N PRO A 127 29.57 -14.76 -3.53
CA PRO A 127 30.45 -15.33 -4.54
C PRO A 127 29.72 -15.70 -5.84
N ALA A 128 30.37 -15.42 -6.97
CA ALA A 128 29.82 -15.69 -8.30
C ALA A 128 30.23 -17.09 -8.78
N THR A 129 30.08 -18.10 -7.94
CA THR A 129 30.57 -19.45 -8.22
C THR A 129 29.60 -20.23 -9.08
N GLU A 130 30.11 -21.26 -9.75
CA GLU A 130 29.30 -22.06 -10.67
C GLU A 130 28.27 -22.90 -9.92
N GLY A 131 27.13 -23.14 -10.58
CA GLY A 131 26.02 -23.92 -10.02
C GLY A 131 24.98 -23.15 -9.22
N ILE A 132 25.17 -21.84 -9.02
CA ILE A 132 24.31 -21.05 -8.12
C ILE A 132 22.89 -20.76 -8.64
N PHE A 133 22.72 -20.63 -9.95
CA PHE A 133 21.40 -20.40 -10.55
C PHE A 133 20.51 -21.63 -10.34
N ASP A 134 21.13 -22.81 -10.35
CA ASP A 134 20.43 -24.06 -10.05
C ASP A 134 20.06 -24.13 -8.57
N TYR A 135 20.95 -23.67 -7.69
CA TYR A 135 20.63 -23.49 -6.25
C TYR A 135 19.49 -22.49 -6.07
N ALA A 136 19.66 -21.30 -6.64
CA ALA A 136 18.61 -20.27 -6.62
C ALA A 136 17.27 -20.87 -6.96
N ALA A 137 17.20 -21.54 -8.11
CA ALA A 137 15.96 -22.16 -8.58
C ALA A 137 15.41 -23.23 -7.64
N ALA A 138 16.29 -24.07 -7.09
CA ALA A 138 15.91 -25.09 -6.09
C ALA A 138 15.23 -24.47 -4.86
N ILE A 139 15.89 -23.46 -4.31
CA ILE A 139 15.45 -22.76 -3.10
C ILE A 139 14.11 -22.06 -3.32
N GLY A 140 14.03 -21.28 -4.39
CA GLY A 140 12.80 -20.57 -4.76
C GLY A 140 11.69 -21.55 -5.05
N GLY A 141 12.04 -22.63 -5.74
CA GLY A 141 11.07 -23.67 -6.02
C GLY A 141 10.52 -24.35 -4.76
N ALA A 142 11.40 -24.61 -3.79
CA ALA A 142 10.98 -25.24 -2.54
C ALA A 142 10.01 -24.36 -1.73
N THR A 143 10.34 -23.06 -1.63
CA THR A 143 9.48 -22.13 -0.91
C THR A 143 8.13 -21.98 -1.64
N ILE A 144 8.19 -21.88 -2.96
CA ILE A 144 6.98 -21.85 -3.80
C ILE A 144 6.14 -23.12 -3.63
N THR A 145 6.79 -24.29 -3.64
CA THR A 145 6.11 -25.57 -3.41
C THR A 145 5.46 -25.62 -2.02
N ALA A 146 6.14 -25.06 -1.02
CA ALA A 146 5.57 -24.96 0.32
C ALA A 146 4.31 -24.09 0.35
N ALA A 147 4.39 -22.94 -0.33
CA ALA A 147 3.25 -22.02 -0.44
C ALA A 147 2.06 -22.65 -1.17
N GLN A 148 2.33 -23.46 -2.18
CA GLN A 148 1.27 -24.17 -2.93
C GLN A 148 0.57 -25.23 -2.09
N CYS A 149 1.33 -25.97 -1.28
CA CYS A 149 0.77 -26.90 -0.30
C CYS A 149 -0.16 -26.19 0.68
N LEU A 150 0.25 -25.00 1.11
CA LEU A 150 -0.61 -24.17 1.97
C LEU A 150 -1.92 -23.76 1.27
N ILE A 151 -1.81 -23.25 0.04
CA ILE A 151 -2.96 -22.83 -0.78
C ILE A 151 -3.94 -23.97 -1.04
N ASP A 152 -3.41 -25.15 -1.39
CA ASP A 152 -4.25 -26.32 -1.69
C ASP A 152 -4.98 -26.93 -0.48
N GLY A 153 -4.66 -26.49 0.74
CA GLY A 153 -5.29 -27.04 1.94
C GLY A 153 -4.73 -28.38 2.35
N MET A 154 -3.56 -28.74 1.80
CA MET A 154 -2.83 -29.94 2.20
C MET A 154 -2.34 -29.86 3.65
N CYS A 155 -2.09 -28.64 4.15
CA CYS A 155 -1.58 -28.42 5.50
C CYS A 155 -1.87 -27.02 6.04
N LYS A 156 -1.71 -26.86 7.35
CA LYS A 156 -1.66 -25.54 8.00
C LYS A 156 -0.20 -25.02 8.09
N VAL A 157 0.77 -25.93 8.11
CA VAL A 157 2.17 -25.56 8.26
C VAL A 157 3.02 -26.24 7.19
N ALA A 158 3.86 -25.46 6.54
CA ALA A 158 4.79 -25.99 5.55
C ALA A 158 6.19 -25.49 5.89
N ILE A 159 7.18 -26.35 5.71
CA ILE A 159 8.53 -26.12 6.22
C ILE A 159 9.54 -26.23 5.09
N ASN A 160 10.39 -25.21 4.97
CA ASN A 160 11.53 -25.24 4.08
C ASN A 160 12.71 -24.63 4.83
N TRP A 161 13.35 -25.41 5.70
CA TRP A 161 14.51 -24.92 6.50
C TRP A 161 15.71 -24.45 5.68
N SER A 162 15.85 -24.94 4.45
CA SER A 162 16.90 -24.48 3.53
C SER A 162 16.57 -23.16 2.84
N GLY A 163 15.37 -22.62 3.05
CA GLY A 163 15.01 -21.29 2.57
C GLY A 163 15.24 -20.18 3.61
N GLY A 164 14.66 -19.01 3.34
CA GLY A 164 14.71 -17.84 4.21
C GLY A 164 15.69 -16.76 3.79
N TRP A 165 16.00 -16.68 2.49
CA TRP A 165 17.11 -15.83 2.01
C TRP A 165 16.60 -14.43 1.72
N HIS A 166 16.36 -13.73 2.82
CA HIS A 166 15.60 -12.49 2.87
C HIS A 166 16.24 -11.20 2.36
N HIS A 167 17.55 -11.19 2.08
CA HIS A 167 18.22 -9.94 1.67
C HIS A 167 18.13 -9.62 0.20
N ALA A 168 17.91 -10.64 -0.65
CA ALA A 168 18.03 -10.45 -2.11
C ALA A 168 17.05 -9.41 -2.60
N LYS A 169 17.53 -8.52 -3.45
CA LYS A 169 16.72 -7.49 -4.06
C LYS A 169 16.29 -8.00 -5.42
N LYS A 170 15.37 -7.29 -6.07
CA LYS A 170 14.86 -7.73 -7.37
C LYS A 170 15.97 -7.88 -8.41
N ASP A 171 16.95 -6.97 -8.39
CA ASP A 171 18.01 -6.93 -9.41
C ASP A 171 19.43 -6.95 -8.81
N GLU A 172 19.58 -7.56 -7.64
CA GLU A 172 20.85 -7.49 -6.90
C GLU A 172 20.92 -8.55 -5.81
N ALA A 173 21.96 -9.36 -5.83
CA ALA A 173 22.27 -10.23 -4.72
C ALA A 173 22.75 -9.39 -3.55
N SER A 174 22.58 -9.90 -2.33
CA SER A 174 22.89 -9.13 -1.14
C SER A 174 23.00 -10.05 0.05
N GLY A 175 23.88 -9.74 1.00
CA GLY A 175 24.07 -10.55 2.20
C GLY A 175 23.97 -12.06 2.01
N PHE A 176 24.73 -12.57 1.05
CA PHE A 176 24.76 -14.02 0.75
C PHE A 176 23.39 -14.62 0.27
N CYS A 177 22.50 -13.75 -0.22
CA CYS A 177 21.20 -14.17 -0.77
C CYS A 177 21.18 -13.85 -2.26
N TYR A 178 21.05 -14.90 -3.08
CA TYR A 178 21.07 -14.79 -4.54
C TYR A 178 19.67 -14.65 -5.13
N LEU A 179 18.67 -15.08 -4.36
CA LEU A 179 17.29 -15.12 -4.82
C LEU A 179 16.40 -15.04 -3.60
N ASN A 180 15.40 -14.17 -3.64
CA ASN A 180 14.51 -13.94 -2.51
C ASN A 180 13.32 -14.90 -2.56
N ASP A 181 13.58 -16.12 -2.09
CA ASP A 181 12.55 -17.15 -1.96
C ASP A 181 11.40 -16.73 -1.05
N ALA A 182 11.70 -15.97 0.02
CA ALA A 182 10.66 -15.49 0.93
C ALA A 182 9.66 -14.66 0.16
N VAL A 183 10.15 -13.74 -0.67
CA VAL A 183 9.31 -12.90 -1.50
C VAL A 183 8.51 -13.73 -2.51
N LEU A 184 9.17 -14.67 -3.17
CA LEU A 184 8.50 -15.55 -4.15
C LEU A 184 7.36 -16.37 -3.54
N GLY A 185 7.48 -16.72 -2.27
CA GLY A 185 6.45 -17.48 -1.57
C GLY A 185 5.26 -16.64 -1.12
N ILE A 186 5.55 -15.44 -0.67
CA ILE A 186 4.52 -14.47 -0.27
C ILE A 186 3.64 -14.16 -1.47
N LEU A 187 4.27 -13.98 -2.63
CA LEU A 187 3.56 -13.69 -3.87
C LEU A 187 2.72 -14.87 -4.33
N ARG A 188 3.22 -16.09 -4.15
CA ARG A 188 2.42 -17.27 -4.45
C ARG A 188 1.23 -17.35 -3.51
N LEU A 189 1.45 -17.18 -2.20
CA LEU A 189 0.36 -17.14 -1.21
C LEU A 189 -0.74 -16.13 -1.53
N ARG A 190 -0.36 -14.97 -2.08
CA ARG A 190 -1.31 -13.91 -2.46
C ARG A 190 -2.44 -14.31 -3.42
N ARG A 191 -2.33 -15.46 -4.08
CA ARG A 191 -3.43 -16.01 -4.89
C ARG A 191 -4.67 -16.38 -4.06
N LYS A 192 -4.46 -17.00 -2.90
CA LYS A 192 -5.55 -17.49 -2.02
C LYS A 192 -5.83 -16.56 -0.85
N PHE A 193 -4.82 -15.81 -0.39
CA PHE A 193 -4.91 -15.05 0.86
C PHE A 193 -4.64 -13.55 0.63
N GLU A 194 -5.66 -12.71 0.84
CA GLU A 194 -5.59 -11.26 0.58
C GLU A 194 -4.53 -10.54 1.41
N ARG A 195 -4.50 -10.87 2.71
CA ARG A 195 -3.56 -10.27 3.68
C ARG A 195 -2.55 -11.32 4.17
N ILE A 196 -1.26 -10.97 4.12
CA ILE A 196 -0.18 -11.87 4.53
C ILE A 196 0.76 -11.17 5.50
N LEU A 197 1.19 -11.91 6.53
CA LEU A 197 2.12 -11.39 7.53
C LEU A 197 3.43 -12.10 7.40
N TYR A 198 4.51 -11.32 7.29
CA TYR A 198 5.87 -11.84 7.27
C TYR A 198 6.51 -11.47 8.59
N VAL A 199 6.99 -12.47 9.34
CA VAL A 199 7.65 -12.26 10.63
C VAL A 199 9.05 -12.83 10.53
N ASP A 200 10.05 -11.95 10.66
CA ASP A 200 11.42 -12.27 10.35
C ASP A 200 12.26 -12.21 11.62
N LEU A 201 12.63 -13.37 12.18
CA LEU A 201 13.37 -13.45 13.45
C LEU A 201 14.88 -13.75 13.33
N ASP A 202 15.41 -13.76 12.09
CA ASP A 202 16.87 -13.80 11.82
C ASP A 202 17.50 -12.62 12.55
N LEU A 203 18.80 -12.72 12.84
CA LEU A 203 19.54 -11.62 13.47
C LEU A 203 19.55 -10.36 12.61
N HIS A 204 19.60 -10.52 11.28
CA HIS A 204 19.71 -9.38 10.37
C HIS A 204 18.34 -8.84 10.00
N HIS A 205 18.25 -7.55 9.71
CA HIS A 205 17.01 -6.92 9.24
C HIS A 205 16.56 -7.56 7.95
N GLY A 206 15.27 -7.87 7.83
CA GLY A 206 14.73 -8.52 6.64
C GLY A 206 14.45 -7.50 5.56
N ASP A 207 15.51 -6.89 5.06
CA ASP A 207 15.42 -5.67 4.27
C ASP A 207 14.86 -5.91 2.87
N GLY A 208 15.30 -7.00 2.23
CA GLY A 208 14.90 -7.32 0.86
C GLY A 208 13.43 -7.64 0.72
N VAL A 209 12.90 -8.34 1.72
CA VAL A 209 11.49 -8.71 1.76
C VAL A 209 10.66 -7.47 2.06
N GLU A 210 11.10 -6.66 3.01
CA GLU A 210 10.45 -5.40 3.38
C GLU A 210 10.35 -4.46 2.18
N ASP A 211 11.47 -4.27 1.48
CA ASP A 211 11.56 -3.36 0.34
C ASP A 211 10.63 -3.79 -0.79
N ALA A 212 10.52 -5.10 -1.00
CA ALA A 212 9.61 -5.63 -2.04
C ALA A 212 8.17 -5.20 -1.79
N PHE A 213 7.76 -5.16 -0.52
CA PHE A 213 6.39 -4.83 -0.16
C PHE A 213 6.25 -3.50 0.59
N SER A 214 7.25 -2.62 0.54
CA SER A 214 7.24 -1.37 1.34
C SER A 214 6.09 -0.41 1.00
N PHE A 215 5.58 -0.48 -0.25
CA PHE A 215 4.51 0.39 -0.74
C PHE A 215 3.12 -0.30 -0.85
N THR A 216 2.85 -1.32 -0.03
CA THR A 216 1.54 -1.99 -0.02
C THR A 216 1.11 -2.33 1.41
N SER A 217 -0.19 -2.22 1.66
CA SER A 217 -0.82 -2.69 2.89
C SER A 217 -1.22 -4.17 2.83
N LYS A 218 -1.07 -4.82 1.69
CA LYS A 218 -1.49 -6.22 1.54
C LYS A 218 -0.55 -7.21 2.20
N VAL A 219 0.70 -6.80 2.42
CA VAL A 219 1.69 -7.64 3.10
C VAL A 219 2.32 -6.80 4.21
N MET A 220 2.21 -7.26 5.45
CA MET A 220 2.91 -6.62 6.56
C MET A 220 4.19 -7.39 6.84
N THR A 221 5.31 -6.67 6.94
CA THR A 221 6.60 -7.26 7.31
C THR A 221 6.94 -6.83 8.73
N VAL A 222 7.27 -7.80 9.58
CA VAL A 222 7.69 -7.57 10.96
C VAL A 222 9.09 -8.15 11.09
N SER A 223 9.99 -7.40 11.72
CA SER A 223 11.40 -7.79 11.83
C SER A 223 12.00 -7.42 13.20
N LEU A 224 12.51 -8.44 13.92
CA LEU A 224 13.36 -8.24 15.10
C LEU A 224 14.82 -8.48 14.67
N HIS A 225 15.71 -7.50 14.89
CA HIS A 225 17.09 -7.59 14.41
C HIS A 225 18.07 -6.75 15.21
N LYS A 226 19.34 -7.14 15.12
CA LYS A 226 20.41 -6.26 15.50
C LYS A 226 20.41 -5.05 14.59
N PHE A 227 20.58 -3.89 15.19
CA PHE A 227 20.66 -2.63 14.48
C PHE A 227 21.65 -1.78 15.25
N SER A 228 22.84 -1.64 14.69
CA SER A 228 23.91 -0.86 15.29
C SER A 228 24.81 -0.32 14.18
N PRO A 229 25.40 0.89 14.36
CA PRO A 229 26.31 1.38 13.34
C PRO A 229 27.32 0.32 12.92
N GLY A 230 27.44 0.13 11.60
CA GLY A 230 28.34 -0.86 11.03
C GLY A 230 27.63 -2.14 10.63
N PHE A 231 26.70 -2.60 11.48
CA PHE A 231 26.06 -3.91 11.30
C PHE A 231 25.16 -3.97 10.06
N PHE A 232 25.21 -5.10 9.36
CA PHE A 232 24.50 -5.31 8.10
C PHE A 232 23.01 -5.53 8.37
N PRO A 233 22.12 -5.02 7.49
CA PRO A 233 22.41 -4.13 6.37
C PRO A 233 22.30 -2.64 6.71
N GLY A 234 22.25 -2.27 7.99
CA GLY A 234 22.15 -0.86 8.38
C GLY A 234 20.83 -0.20 8.03
N THR A 235 19.76 -0.98 7.97
CA THR A 235 18.41 -0.46 7.78
C THR A 235 17.53 -1.07 8.87
N GLY A 236 16.26 -0.71 8.88
CA GLY A 236 15.30 -1.29 9.80
C GLY A 236 15.37 -0.71 11.20
N ASP A 237 15.52 0.61 11.30
CA ASP A 237 15.33 1.31 12.56
C ASP A 237 13.83 1.29 12.83
N VAL A 238 13.42 1.50 14.07
CA VAL A 238 12.00 1.48 14.41
C VAL A 238 11.18 2.48 13.56
N SER A 239 11.79 3.62 13.22
CA SER A 239 11.19 4.66 12.38
C SER A 239 11.00 4.27 10.91
N ASP A 240 11.61 3.15 10.49
CA ASP A 240 11.27 2.48 9.23
C ASP A 240 9.85 1.89 9.35
N VAL A 241 8.87 2.62 8.80
CA VAL A 241 7.45 2.29 8.93
C VAL A 241 6.74 1.98 7.61
N GLY A 242 7.42 2.16 6.48
CA GLY A 242 6.81 1.97 5.17
C GLY A 242 6.39 3.28 4.54
N LEU A 243 6.01 3.20 3.27
CA LEU A 243 5.77 4.37 2.42
C LEU A 243 4.40 4.27 1.75
N GLY A 244 3.93 5.40 1.21
CA GLY A 244 2.66 5.48 0.50
C GLY A 244 1.52 4.75 1.18
N LYS A 245 0.83 3.90 0.40
CA LYS A 245 -0.24 3.04 0.92
C LYS A 245 0.24 2.01 1.93
N GLY A 246 1.53 1.67 1.89
CA GLY A 246 2.14 0.77 2.88
C GLY A 246 2.72 1.37 4.17
N ARG A 247 2.39 2.64 4.46
CA ARG A 247 2.83 3.29 5.70
C ARG A 247 2.19 2.64 6.92
N TYR A 248 3.03 2.33 7.91
CA TYR A 248 2.68 1.57 9.13
C TYR A 248 2.53 0.05 8.92
N TYR A 249 2.66 -0.41 7.68
CA TYR A 249 2.62 -1.83 7.36
C TYR A 249 4.06 -2.42 7.18
N SER A 250 5.10 -1.67 7.53
CA SER A 250 6.41 -2.22 7.92
C SER A 250 6.60 -1.99 9.42
N VAL A 251 7.09 -2.99 10.13
CA VAL A 251 7.40 -2.92 11.55
C VAL A 251 8.80 -3.45 11.82
N ASN A 252 9.58 -2.69 12.58
CA ASN A 252 10.98 -3.03 12.86
C ASN A 252 11.30 -2.82 14.33
N VAL A 253 11.90 -3.83 14.95
CA VAL A 253 12.35 -3.74 16.32
C VAL A 253 13.89 -3.78 16.31
N PRO A 254 14.54 -2.61 16.45
CA PRO A 254 16.00 -2.61 16.57
C PRO A 254 16.42 -3.04 17.97
N ILE A 255 17.25 -4.08 18.03
CA ILE A 255 17.67 -4.68 19.30
C ILE A 255 19.20 -4.71 19.37
N GLN A 256 19.75 -4.52 20.58
CA GLN A 256 21.19 -4.55 20.81
C GLN A 256 21.65 -5.91 21.33
N ASP A 257 22.97 -6.10 21.32
CA ASP A 257 23.61 -7.38 21.65
C ASP A 257 23.23 -7.97 23.02
N GLY A 258 23.32 -9.30 23.10
CA GLY A 258 23.23 -10.01 24.37
C GLY A 258 21.85 -10.23 24.94
N ILE A 259 20.82 -10.00 24.11
CA ILE A 259 19.43 -10.28 24.49
C ILE A 259 19.24 -11.78 24.65
N GLN A 260 18.47 -12.17 25.65
CA GLN A 260 18.23 -13.56 26.01
C GLN A 260 16.75 -13.90 25.81
N ASP A 261 16.39 -15.16 26.05
CA ASP A 261 15.06 -15.70 25.70
C ASP A 261 13.89 -14.94 26.33
N GLU A 262 13.99 -14.69 27.63
CA GLU A 262 12.88 -14.15 28.39
C GLU A 262 12.49 -12.76 27.87
N LYS A 263 13.51 -11.92 27.63
CA LYS A 263 13.29 -10.53 27.20
C LYS A 263 12.86 -10.40 25.73
N TYR A 264 13.42 -11.24 24.88
CA TYR A 264 13.06 -11.31 23.45
C TYR A 264 11.60 -11.70 23.26
N TYR A 265 11.15 -12.72 23.99
CA TYR A 265 9.75 -13.14 23.91
C TYR A 265 8.78 -12.05 24.40
N GLN A 266 9.18 -11.31 25.43
CA GLN A 266 8.41 -10.16 25.90
C GLN A 266 8.26 -9.13 24.79
N ILE A 267 9.37 -8.81 24.12
CA ILE A 267 9.36 -7.91 22.96
C ILE A 267 8.53 -8.47 21.81
N CYS A 268 8.71 -9.76 21.54
CA CYS A 268 8.07 -10.38 20.38
C CYS A 268 6.53 -10.51 20.51
N GLU A 269 6.05 -11.08 21.61
CA GLU A 269 4.60 -11.21 21.81
C GLU A 269 3.92 -9.87 22.08
N SER A 270 4.69 -8.87 22.53
CA SER A 270 4.18 -7.51 22.67
C SER A 270 3.87 -6.93 21.28
N VAL A 271 4.82 -7.03 20.36
CA VAL A 271 4.62 -6.59 18.98
C VAL A 271 3.58 -7.45 18.25
N LEU A 272 3.66 -8.78 18.39
CA LEU A 272 2.77 -9.68 17.63
C LEU A 272 1.31 -9.65 18.07
N LYS A 273 1.04 -9.39 19.36
CA LYS A 273 -0.33 -9.23 19.85
C LYS A 273 -1.01 -8.04 19.17
N GLU A 274 -0.28 -6.93 19.07
CA GLU A 274 -0.79 -5.72 18.43
C GLU A 274 -1.01 -5.95 16.95
N VAL A 275 -0.05 -6.63 16.30
CA VAL A 275 -0.07 -6.92 14.86
C VAL A 275 -1.23 -7.83 14.45
N TYR A 276 -1.51 -8.85 15.26
CA TYR A 276 -2.62 -9.77 15.00
C TYR A 276 -3.95 -9.01 14.96
N GLN A 277 -4.26 -8.28 16.04
CA GLN A 277 -5.51 -7.51 16.14
C GLN A 277 -5.64 -6.43 15.09
N ALA A 278 -4.54 -5.75 14.78
CA ALA A 278 -4.54 -4.61 13.87
C ALA A 278 -4.63 -5.04 12.40
N PHE A 279 -3.70 -5.91 11.98
CA PHE A 279 -3.57 -6.34 10.60
C PHE A 279 -4.52 -7.49 10.25
N ASN A 280 -4.70 -8.42 11.17
CA ASN A 280 -5.59 -9.58 10.98
C ASN A 280 -5.16 -10.39 9.74
N PRO A 281 -4.04 -11.11 9.83
CA PRO A 281 -3.53 -11.82 8.66
C PRO A 281 -4.29 -13.10 8.36
N LYS A 282 -4.47 -13.39 7.07
CA LYS A 282 -5.04 -14.66 6.62
C LYS A 282 -3.96 -15.74 6.49
N ALA A 283 -2.68 -15.35 6.46
CA ALA A 283 -1.57 -16.30 6.31
C ALA A 283 -0.24 -15.72 6.81
N VAL A 284 0.69 -16.61 7.16
CA VAL A 284 1.95 -16.21 7.80
C VAL A 284 3.17 -16.83 7.13
N VAL A 285 4.17 -16.01 6.86
CA VAL A 285 5.47 -16.49 6.39
C VAL A 285 6.46 -16.14 7.50
N LEU A 286 7.19 -17.14 7.98
CA LEU A 286 7.95 -17.01 9.22
C LEU A 286 9.41 -17.40 9.03
N GLN A 287 10.31 -16.42 9.01
CA GLN A 287 11.74 -16.65 8.82
C GLN A 287 12.37 -16.82 10.19
N LEU A 288 12.96 -17.98 10.45
CA LEU A 288 13.50 -18.31 11.78
C LEU A 288 15.01 -18.51 11.74
N GLY A 289 15.70 -17.55 11.12
CA GLY A 289 17.15 -17.56 11.09
C GLY A 289 17.73 -17.84 12.47
N ALA A 290 18.63 -18.82 12.54
CA ALA A 290 19.26 -19.25 13.80
C ALA A 290 20.64 -18.65 14.05
N ASP A 291 20.97 -17.54 13.37
CA ASP A 291 22.16 -16.74 13.71
C ASP A 291 21.97 -15.80 14.92
N THR A 292 20.79 -15.84 15.54
CA THR A 292 20.54 -15.19 16.83
C THR A 292 20.96 -16.05 18.03
N ILE A 293 21.38 -17.30 17.79
CA ILE A 293 21.57 -18.27 18.87
C ILE A 293 22.94 -18.09 19.52
N ALA A 294 22.98 -18.31 20.84
CA ALA A 294 24.22 -18.34 21.60
C ALA A 294 25.21 -19.28 20.94
N GLY A 295 26.46 -18.82 20.76
CA GLY A 295 27.50 -19.62 20.12
C GLY A 295 27.71 -19.40 18.63
N ASP A 296 26.90 -18.53 18.01
CA ASP A 296 27.03 -18.25 16.59
C ASP A 296 28.24 -17.32 16.38
N PRO A 297 29.01 -17.51 15.27
CA PRO A 297 30.10 -16.59 14.87
C PRO A 297 29.74 -15.10 14.94
N MET A 298 28.49 -14.78 14.61
CA MET A 298 27.96 -13.43 14.67
C MET A 298 28.04 -12.85 16.10
N CYS A 299 27.92 -13.72 17.10
CA CYS A 299 28.19 -13.41 18.52
C CYS A 299 27.51 -12.11 19.01
N SER A 300 26.28 -11.87 18.54
CA SER A 300 25.50 -10.67 18.90
C SER A 300 24.41 -10.96 19.93
N PHE A 301 23.35 -11.67 19.55
CA PHE A 301 22.28 -12.03 20.48
C PHE A 301 22.71 -13.26 21.28
N ASN A 302 21.99 -13.51 22.37
CA ASN A 302 22.31 -14.58 23.32
C ASN A 302 21.07 -15.42 23.58
N MET A 303 20.50 -15.93 22.48
CA MET A 303 19.23 -16.66 22.51
C MET A 303 19.46 -18.16 22.54
N THR A 304 18.43 -18.89 22.96
CA THR A 304 18.35 -20.34 22.85
C THR A 304 17.11 -20.69 22.00
N PRO A 305 17.05 -21.92 21.44
CA PRO A 305 15.89 -22.27 20.63
C PRO A 305 14.55 -22.37 21.38
N VAL A 306 14.59 -22.40 22.71
CA VAL A 306 13.37 -22.32 23.52
C VAL A 306 12.76 -20.92 23.42
N GLY A 307 13.62 -19.89 23.49
CA GLY A 307 13.19 -18.50 23.33
C GLY A 307 12.49 -18.26 22.02
N ILE A 308 13.11 -18.72 20.93
CA ILE A 308 12.48 -18.63 19.60
C ILE A 308 11.21 -19.49 19.54
N GLY A 309 11.29 -20.70 20.10
CA GLY A 309 10.16 -21.63 20.12
C GLY A 309 8.89 -21.07 20.73
N LYS A 310 9.05 -20.26 21.78
CA LYS A 310 7.94 -19.53 22.38
C LYS A 310 7.31 -18.53 21.40
N CYS A 311 8.15 -17.81 20.64
CA CYS A 311 7.65 -16.95 19.56
C CYS A 311 6.92 -17.72 18.46
N LEU A 312 7.43 -18.91 18.15
CA LEU A 312 6.84 -19.81 17.15
C LEU A 312 5.50 -20.38 17.60
N LYS A 313 5.41 -20.81 18.87
CA LYS A 313 4.14 -21.27 19.46
C LYS A 313 3.06 -20.21 19.37
N TYR A 314 3.45 -18.96 19.63
CA TYR A 314 2.52 -17.84 19.62
C TYR A 314 1.91 -17.62 18.23
N ILE A 315 2.74 -17.77 17.20
CA ILE A 315 2.26 -17.67 15.81
C ILE A 315 1.43 -18.91 15.45
N LEU A 316 1.84 -20.08 15.91
CA LEU A 316 1.08 -21.31 15.64
C LEU A 316 -0.33 -21.30 16.25
N GLN A 317 -0.49 -20.76 17.47
CA GLN A 317 -1.82 -20.71 18.11
C GLN A 317 -2.88 -19.87 17.37
N TRP A 318 -2.45 -19.02 16.44
CA TRP A 318 -3.38 -18.38 15.49
C TRP A 318 -4.07 -19.36 14.53
N GLN A 319 -3.55 -20.58 14.40
CA GLN A 319 -4.09 -21.58 13.49
C GLN A 319 -4.28 -21.09 12.05
N LEU A 320 -3.32 -20.31 11.56
CA LEU A 320 -3.31 -19.83 10.18
C LEU A 320 -2.35 -20.64 9.30
N ALA A 321 -2.54 -20.53 8.00
CA ALA A 321 -1.61 -21.06 7.01
C ALA A 321 -0.25 -20.43 7.28
N THR A 322 0.75 -21.27 7.55
CA THR A 322 2.05 -20.80 8.04
C THR A 322 3.20 -21.44 7.28
N LEU A 323 3.99 -20.62 6.57
CA LEU A 323 5.15 -21.11 5.80
C LEU A 323 6.41 -20.85 6.63
N ILE A 324 7.11 -21.94 7.00
CA ILE A 324 8.27 -21.87 7.87
C ILE A 324 9.54 -21.90 7.03
N LEU A 325 10.47 -20.98 7.33
CA LEU A 325 11.72 -20.82 6.59
C LEU A 325 12.91 -20.73 7.54
N GLY A 326 14.08 -21.14 7.05
CA GLY A 326 15.32 -21.03 7.82
C GLY A 326 15.95 -19.68 7.58
N GLY A 327 17.21 -19.66 7.18
CA GLY A 327 17.93 -18.41 6.88
C GLY A 327 19.36 -18.46 7.38
N GLY A 328 19.81 -17.37 8.00
CA GLY A 328 21.13 -17.34 8.63
C GLY A 328 21.24 -18.40 9.72
N GLY A 329 22.47 -18.85 9.99
CA GLY A 329 22.74 -19.89 10.98
C GLY A 329 24.12 -20.51 10.73
N TYR A 330 25.13 -19.99 11.43
CA TYR A 330 26.54 -20.22 11.06
C TYR A 330 27.38 -21.06 12.04
N ASN A 331 26.84 -21.38 13.21
CA ASN A 331 27.29 -22.49 14.04
C ASN A 331 26.38 -23.63 13.57
N LEU A 332 26.92 -24.47 12.69
CA LEU A 332 26.10 -25.41 11.93
C LEU A 332 25.35 -26.41 12.83
N ALA A 333 26.04 -26.96 13.84
CA ALA A 333 25.42 -27.87 14.80
C ALA A 333 24.30 -27.18 15.59
N ASN A 334 24.60 -26.03 16.18
CA ASN A 334 23.59 -25.23 16.90
C ASN A 334 22.36 -24.91 16.04
N THR A 335 22.60 -24.59 14.76
CA THR A 335 21.52 -24.34 13.80
C THR A 335 20.60 -25.55 13.62
N ALA A 336 21.19 -26.74 13.50
CA ALA A 336 20.40 -27.98 13.42
C ALA A 336 19.70 -28.26 14.75
N ARG A 337 20.39 -28.05 15.88
CA ARG A 337 19.77 -28.17 17.21
C ARG A 337 18.52 -27.31 17.31
N CYS A 338 18.64 -26.07 16.82
CA CYS A 338 17.55 -25.10 16.87
C CYS A 338 16.40 -25.55 15.98
N TRP A 339 16.69 -25.70 14.68
CA TRP A 339 15.65 -26.06 13.71
C TRP A 339 15.05 -27.45 13.91
N THR A 340 15.81 -28.35 14.54
CA THR A 340 15.25 -29.64 14.92
C THR A 340 14.28 -29.44 16.08
N TYR A 341 14.71 -28.71 17.10
CA TYR A 341 13.86 -28.37 18.24
C TYR A 341 12.57 -27.67 17.79
N LEU A 342 12.71 -26.69 16.90
CA LEU A 342 11.57 -25.94 16.37
C LEU A 342 10.56 -26.82 15.61
N THR A 343 11.06 -27.87 14.93
CA THR A 343 10.21 -28.84 14.24
C THR A 343 9.38 -29.64 15.24
N GLY A 344 10.02 -30.06 16.32
CA GLY A 344 9.34 -30.71 17.45
C GLY A 344 8.17 -29.91 17.99
N VAL A 345 8.37 -28.60 18.16
CA VAL A 345 7.29 -27.72 18.68
C VAL A 345 6.16 -27.56 17.64
N ILE A 346 6.51 -27.45 16.36
CA ILE A 346 5.50 -27.45 15.29
C ILE A 346 4.63 -28.70 15.40
N LEU A 347 5.25 -29.83 15.75
CA LEU A 347 4.55 -31.11 15.92
C LEU A 347 3.92 -31.30 17.31
N GLY A 348 4.27 -30.45 18.28
CA GLY A 348 3.82 -30.62 19.65
C GLY A 348 4.54 -31.73 20.38
N LYS A 349 5.64 -32.24 19.80
CA LYS A 349 6.46 -33.26 20.44
C LYS A 349 7.50 -32.63 21.38
N THR A 350 8.04 -33.46 22.25
CA THR A 350 9.02 -33.03 23.24
C THR A 350 10.20 -34.00 23.11
N LEU A 351 11.33 -33.46 22.69
CA LEU A 351 12.48 -34.27 22.32
C LEU A 351 13.36 -34.56 23.53
N SER A 352 14.15 -35.61 23.46
CA SER A 352 15.08 -35.94 24.54
C SER A 352 16.30 -35.02 24.46
N SER A 353 16.92 -34.79 25.61
CA SER A 353 18.13 -33.95 25.71
C SER A 353 19.31 -34.58 25.00
N GLU A 354 19.50 -35.90 25.14
CA GLU A 354 20.62 -36.62 24.49
C GLU A 354 20.41 -36.69 22.96
N ILE A 355 21.41 -36.24 22.21
CA ILE A 355 21.37 -36.27 20.74
C ILE A 355 21.36 -37.74 20.29
N PRO A 356 20.47 -38.11 19.34
CA PRO A 356 20.51 -39.46 18.77
C PRO A 356 21.80 -39.71 18.01
N ASP A 357 22.25 -40.97 17.93
CA ASP A 357 23.36 -41.30 17.05
C ASP A 357 22.85 -41.17 15.61
N HIS A 358 23.64 -40.47 14.78
CA HIS A 358 23.33 -40.27 13.36
C HIS A 358 24.65 -39.96 12.63
N GLU A 359 24.58 -39.58 11.36
CA GLU A 359 25.78 -39.37 10.54
C GLU A 359 26.78 -38.37 11.13
N PHE A 360 26.27 -37.25 11.66
CA PHE A 360 27.10 -36.15 12.17
C PHE A 360 27.17 -36.09 13.71
N PHE A 361 27.13 -37.23 14.37
CA PHE A 361 27.09 -37.28 15.86
C PHE A 361 28.24 -36.53 16.53
N THR A 362 29.44 -36.67 15.97
CA THR A 362 30.66 -36.08 16.54
C THR A 362 30.60 -34.55 16.62
N ALA A 363 29.89 -33.93 15.68
CA ALA A 363 29.68 -32.47 15.65
C ALA A 363 28.98 -31.91 16.88
N TYR A 364 28.23 -32.76 17.58
CA TYR A 364 27.49 -32.37 18.78
C TYR A 364 28.25 -32.58 20.11
N GLY A 365 29.57 -32.78 20.06
CA GLY A 365 30.40 -32.90 21.27
C GLY A 365 30.86 -31.54 21.77
N PRO A 366 31.38 -31.43 23.01
CA PRO A 366 31.64 -32.58 23.91
C PRO A 366 30.43 -33.14 24.70
N ASP A 367 29.34 -32.38 24.84
CA ASP A 367 28.21 -32.79 25.69
C ASP A 367 27.16 -33.69 25.03
N TYR A 368 27.01 -33.60 23.71
CA TYR A 368 26.00 -34.38 22.95
C TYR A 368 24.58 -34.16 23.45
N VAL A 369 24.20 -32.89 23.53
CA VAL A 369 22.85 -32.49 23.96
C VAL A 369 22.18 -31.53 22.98
N LEU A 370 20.87 -31.43 23.12
CA LEU A 370 20.04 -30.61 22.25
C LEU A 370 20.02 -29.16 22.73
N GLU A 371 19.93 -28.99 24.04
CA GLU A 371 19.83 -27.65 24.63
C GLU A 371 21.13 -26.85 24.44
N ILE A 372 20.96 -25.54 24.28
CA ILE A 372 22.06 -24.60 24.11
C ILE A 372 22.09 -23.69 25.34
N THR A 373 23.28 -23.45 25.87
CA THR A 373 23.47 -22.59 27.04
C THR A 373 23.89 -21.19 26.59
N PRO A 374 23.18 -20.15 27.06
CA PRO A 374 23.58 -18.77 26.75
C PRO A 374 25.01 -18.43 27.14
N SER A 375 25.68 -17.60 26.34
CA SER A 375 27.01 -17.08 26.71
C SER A 375 26.88 -16.10 27.86
N CYS A 376 27.95 -15.95 28.63
CA CYS A 376 28.01 -14.99 29.73
C CYS A 376 28.54 -13.66 29.18
N ARG A 377 27.63 -12.89 28.61
CA ARG A 377 27.90 -11.54 28.13
C ARG A 377 26.76 -10.66 28.61
N PRO A 378 26.93 -9.33 28.58
CA PRO A 378 25.86 -8.48 29.08
C PRO A 378 24.77 -8.27 28.05
N ASP A 379 23.57 -7.99 28.53
CA ASP A 379 22.42 -7.59 27.72
C ASP A 379 22.40 -6.05 27.61
N ARG A 380 22.82 -5.53 26.46
CA ARG A 380 22.96 -4.08 26.25
C ARG A 380 21.65 -3.35 25.95
N ASN A 381 20.52 -4.06 25.98
CA ASN A 381 19.20 -3.45 25.79
C ASN A 381 18.71 -2.82 27.09
N GLU A 382 18.67 -1.49 27.11
CA GLU A 382 18.21 -0.75 28.29
C GLU A 382 16.68 -0.80 28.30
N PRO A 383 16.06 -1.09 29.46
CA PRO A 383 14.59 -1.23 29.48
C PRO A 383 13.80 -0.02 28.97
N HIS A 384 14.18 1.21 29.35
CA HIS A 384 13.47 2.42 28.89
C HIS A 384 13.52 2.58 27.37
N ARG A 385 14.67 2.27 26.78
CA ARG A 385 14.83 2.34 25.32
C ARG A 385 13.95 1.31 24.62
N ILE A 386 13.82 0.12 25.21
CA ILE A 386 12.95 -0.93 24.66
C ILE A 386 11.49 -0.52 24.79
N GLN A 387 11.10 0.06 25.93
CA GLN A 387 9.70 0.42 26.15
C GLN A 387 9.25 1.53 25.22
N GLN A 388 10.12 2.49 24.93
CA GLN A 388 9.76 3.56 23.97
C GLN A 388 9.72 3.07 22.51
N ILE A 389 10.48 2.02 22.19
CA ILE A 389 10.35 1.30 20.92
C ILE A 389 8.98 0.60 20.83
N LEU A 390 8.60 -0.11 21.90
CA LEU A 390 7.35 -0.87 21.92
C LEU A 390 6.12 0.01 21.87
N ASN A 391 6.15 1.15 22.56
CA ASN A 391 5.04 2.12 22.54
C ASN A 391 4.90 2.82 21.20
N TYR A 392 6.03 3.07 20.54
CA TYR A 392 6.03 3.63 19.18
C TYR A 392 5.31 2.68 18.20
N ILE A 393 5.61 1.38 18.31
CA ILE A 393 4.97 0.35 17.48
C ILE A 393 3.48 0.21 17.80
N LYS A 394 3.11 0.23 19.08
CA LYS A 394 1.69 0.24 19.49
C LYS A 394 0.94 1.35 18.77
N GLY A 395 1.55 2.53 18.76
CA GLY A 395 1.00 3.73 18.14
C GLY A 395 0.91 3.66 16.62
N ASN A 396 1.94 3.13 15.97
CA ASN A 396 1.89 2.94 14.52
C ASN A 396 0.82 1.94 14.11
N LEU A 397 0.62 0.90 14.91
CA LEU A 397 -0.40 -0.12 14.64
C LEU A 397 -1.85 0.35 14.91
N LYS A 398 -2.02 1.44 15.66
CA LYS A 398 -3.35 2.02 15.86
C LYS A 398 -3.96 2.53 14.54
N HIS A 399 -3.10 2.95 13.60
CA HIS A 399 -3.53 3.42 12.27
C HIS A 399 -4.04 2.32 11.32
N VAL A 400 -3.73 1.06 11.61
CA VAL A 400 -4.03 -0.02 10.67
C VAL A 400 -5.52 -0.35 10.70
N VAL A 401 -6.14 -0.34 9.51
CA VAL A 401 -7.59 -0.53 9.31
C VAL A 401 -7.84 -1.82 8.52
N LEU B 38 -35.85 -7.03 -33.47
CA LEU B 38 -36.01 -8.37 -34.12
C LEU B 38 -34.68 -9.15 -34.14
N VAL B 39 -33.66 -8.57 -34.79
CA VAL B 39 -32.36 -9.26 -35.00
C VAL B 39 -31.33 -8.91 -33.91
N PRO B 40 -30.46 -9.88 -33.55
CA PRO B 40 -29.43 -9.63 -32.51
C PRO B 40 -28.23 -8.76 -32.94
N VAL B 41 -27.77 -7.91 -32.01
CA VAL B 41 -26.58 -7.07 -32.21
C VAL B 41 -25.29 -7.86 -31.96
N TYR B 42 -24.28 -7.55 -32.77
CA TYR B 42 -22.94 -8.13 -32.68
C TYR B 42 -21.99 -6.94 -32.56
N ILE B 43 -21.36 -6.77 -31.39
CA ILE B 43 -20.46 -5.64 -31.15
C ILE B 43 -19.13 -5.95 -31.80
N TYR B 44 -18.69 -5.13 -32.76
CA TYR B 44 -17.46 -5.39 -33.50
C TYR B 44 -16.82 -4.16 -34.14
N SER B 45 -15.48 -4.13 -34.09
CA SER B 45 -14.65 -3.27 -34.91
C SER B 45 -13.31 -4.00 -35.16
N PRO B 46 -12.67 -3.79 -36.32
CA PRO B 46 -11.33 -4.38 -36.52
C PRO B 46 -10.27 -3.77 -35.58
N GLU B 47 -10.46 -2.51 -35.18
CA GLU B 47 -9.61 -1.87 -34.18
C GLU B 47 -9.84 -2.47 -32.79
N TYR B 48 -11.10 -2.74 -32.49
CA TYR B 48 -11.52 -3.36 -31.23
C TYR B 48 -10.99 -4.79 -31.07
N VAL B 49 -11.02 -5.58 -32.14
CA VAL B 49 -10.47 -6.93 -32.11
C VAL B 49 -8.93 -6.90 -31.94
N SER B 50 -8.24 -6.05 -32.70
CA SER B 50 -6.78 -5.90 -32.54
C SER B 50 -6.42 -5.44 -31.10
N MET B 51 -7.21 -4.53 -30.55
CA MET B 51 -7.08 -4.10 -29.15
C MET B 51 -7.25 -5.27 -28.16
N CYS B 52 -8.19 -6.17 -28.44
CA CYS B 52 -8.41 -7.38 -27.63
C CYS B 52 -7.42 -8.52 -27.92
N ASP B 53 -6.77 -8.48 -29.08
CA ASP B 53 -5.68 -9.41 -29.37
C ASP B 53 -4.40 -9.09 -28.57
N SER B 54 -4.21 -7.83 -28.16
CA SER B 54 -2.98 -7.41 -27.46
C SER B 54 -2.92 -7.86 -25.98
N LEU B 55 -2.91 -9.18 -25.77
CA LEU B 55 -2.96 -9.78 -24.43
C LEU B 55 -2.10 -11.02 -24.39
N ALA B 56 -1.17 -11.10 -23.42
CA ALA B 56 -0.50 -12.36 -23.10
C ALA B 56 -1.55 -13.30 -22.48
N LYS B 57 -1.35 -14.61 -22.68
CA LYS B 57 -2.29 -15.70 -22.29
C LYS B 57 -3.40 -15.94 -23.33
N ILE B 58 -3.84 -14.86 -23.98
CA ILE B 58 -4.82 -14.92 -25.07
C ILE B 58 -4.27 -14.09 -26.26
N PRO B 59 -3.34 -14.67 -27.05
CA PRO B 59 -2.74 -13.88 -28.13
C PRO B 59 -3.71 -13.46 -29.25
N LYS B 60 -4.32 -14.41 -29.95
CA LYS B 60 -5.19 -14.07 -31.09
C LYS B 60 -6.62 -14.64 -30.98
N ARG B 61 -7.16 -14.66 -29.77
CA ARG B 61 -8.46 -15.29 -29.52
C ARG B 61 -9.61 -14.47 -30.10
N ALA B 62 -9.59 -13.15 -29.91
CA ALA B 62 -10.64 -12.27 -30.41
C ALA B 62 -10.80 -12.37 -31.93
N SER B 63 -9.67 -12.43 -32.64
CA SER B 63 -9.66 -12.68 -34.08
C SER B 63 -10.24 -14.05 -34.42
N MET B 64 -9.76 -15.10 -33.74
CA MET B 64 -10.22 -16.47 -34.00
C MET B 64 -11.73 -16.64 -33.77
N VAL B 65 -12.25 -15.94 -32.77
CA VAL B 65 -13.68 -15.93 -32.44
C VAL B 65 -14.49 -15.20 -33.52
N HIS B 66 -13.97 -14.08 -34.01
CA HIS B 66 -14.63 -13.36 -35.12
C HIS B 66 -14.46 -14.11 -36.44
N SER B 67 -13.22 -14.45 -36.76
CA SER B 67 -12.85 -15.15 -38.00
C SER B 67 -13.70 -16.41 -38.25
N LEU B 68 -14.10 -17.11 -37.20
CA LEU B 68 -14.96 -18.30 -37.33
C LEU B 68 -16.45 -17.91 -37.46
N ILE B 69 -16.86 -16.85 -36.79
CA ILE B 69 -18.21 -16.29 -36.94
C ILE B 69 -18.41 -15.72 -38.35
N GLU B 70 -17.44 -14.95 -38.83
CA GLU B 70 -17.40 -14.40 -40.20
C GLU B 70 -17.43 -15.52 -41.24
N ALA B 71 -16.59 -16.55 -41.04
CA ALA B 71 -16.49 -17.69 -41.96
C ALA B 71 -17.62 -18.73 -41.91
N TYR B 72 -18.62 -18.53 -41.06
CA TYR B 72 -19.86 -19.30 -41.11
C TYR B 72 -21.02 -18.42 -41.60
N ALA B 73 -20.69 -17.20 -42.07
CA ALA B 73 -21.68 -16.23 -42.59
C ALA B 73 -22.61 -15.63 -41.53
N LEU B 74 -22.33 -15.85 -40.25
CA LEU B 74 -23.28 -15.48 -39.19
C LEU B 74 -23.35 -13.96 -38.97
N HIS B 75 -22.28 -13.24 -39.31
CA HIS B 75 -22.26 -11.77 -39.25
C HIS B 75 -23.30 -11.10 -40.16
N LYS B 76 -23.62 -11.74 -41.30
CA LYS B 76 -24.67 -11.26 -42.21
C LYS B 76 -26.11 -11.40 -41.69
N GLN B 77 -26.31 -12.10 -40.58
CA GLN B 77 -27.61 -12.20 -39.90
C GLN B 77 -27.71 -11.36 -38.63
N MET B 78 -26.67 -10.57 -38.32
CA MET B 78 -26.63 -9.71 -37.11
C MET B 78 -26.33 -8.27 -37.49
N ARG B 79 -26.82 -7.32 -36.69
CA ARG B 79 -26.47 -5.90 -36.84
C ARG B 79 -25.12 -5.65 -36.20
N ILE B 80 -24.16 -5.18 -36.99
CA ILE B 80 -22.76 -5.03 -36.56
C ILE B 80 -22.55 -3.63 -35.99
N VAL B 81 -22.76 -3.48 -34.69
CA VAL B 81 -22.57 -2.21 -34.00
C VAL B 81 -21.08 -2.06 -33.64
N LYS B 82 -20.56 -0.85 -33.85
CA LYS B 82 -19.18 -0.52 -33.45
C LYS B 82 -19.19 -0.03 -32.01
N PRO B 83 -18.19 -0.43 -31.20
CA PRO B 83 -18.22 -0.12 -29.78
C PRO B 83 -17.69 1.28 -29.50
N LYS B 84 -18.29 1.96 -28.53
CA LYS B 84 -17.72 3.20 -28.00
C LYS B 84 -16.59 2.85 -27.04
N VAL B 85 -15.63 3.76 -26.92
CA VAL B 85 -14.57 3.63 -25.92
C VAL B 85 -15.09 4.36 -24.69
N ALA B 86 -15.13 3.66 -23.56
CA ALA B 86 -15.72 4.19 -22.33
C ALA B 86 -14.91 5.36 -21.78
N SER B 87 -15.62 6.42 -21.38
CA SER B 87 -14.97 7.56 -20.74
C SER B 87 -14.59 7.22 -19.32
N MET B 88 -13.79 8.09 -18.72
CA MET B 88 -13.39 7.95 -17.33
C MET B 88 -14.62 7.98 -16.42
N GLU B 89 -15.57 8.87 -16.70
CA GLU B 89 -16.80 8.99 -15.91
C GLU B 89 -17.64 7.70 -15.92
N GLU B 90 -17.75 7.07 -17.08
CA GLU B 90 -18.51 5.82 -17.23
C GLU B 90 -17.85 4.65 -16.50
N MET B 91 -16.53 4.49 -16.66
CA MET B 91 -15.78 3.47 -15.91
C MET B 91 -15.84 3.72 -14.41
N ALA B 92 -15.81 4.99 -14.01
CA ALA B 92 -15.92 5.38 -12.61
C ALA B 92 -17.29 5.13 -11.96
N THR B 93 -18.29 4.72 -12.74
CA THR B 93 -19.59 4.33 -12.17
C THR B 93 -19.44 3.15 -11.20
N PHE B 94 -18.51 2.24 -11.49
CA PHE B 94 -18.19 1.11 -10.61
C PHE B 94 -16.84 1.28 -9.92
N HIS B 95 -15.78 1.51 -10.70
CA HIS B 95 -14.43 1.60 -10.14
C HIS B 95 -14.16 2.93 -9.46
N THR B 96 -13.11 2.95 -8.64
CA THR B 96 -12.68 4.16 -7.94
C THR B 96 -11.78 4.94 -8.87
N ASP B 97 -11.76 6.26 -8.68
CA ASP B 97 -10.90 7.14 -9.45
C ASP B 97 -9.40 6.83 -9.20
N ALA B 98 -9.04 6.55 -7.94
CA ALA B 98 -7.67 6.18 -7.56
C ALA B 98 -7.16 4.93 -8.31
N TYR B 99 -8.01 3.93 -8.47
CA TYR B 99 -7.65 2.71 -9.20
C TYR B 99 -7.46 2.98 -10.68
N LEU B 100 -8.45 3.67 -11.28
CA LEU B 100 -8.42 3.99 -12.70
C LEU B 100 -7.22 4.87 -13.04
N GLN B 101 -7.02 5.93 -12.24
CA GLN B 101 -5.86 6.82 -12.40
C GLN B 101 -4.55 6.05 -12.38
N HIS B 102 -4.41 5.16 -11.40
CA HIS B 102 -3.24 4.29 -11.33
C HIS B 102 -3.13 3.38 -12.55
N LEU B 103 -4.25 2.80 -12.97
CA LEU B 103 -4.30 1.93 -14.15
C LEU B 103 -3.82 2.68 -15.40
N GLN B 104 -4.16 3.96 -15.49
CA GLN B 104 -3.71 4.83 -16.60
C GLN B 104 -2.23 5.20 -16.49
N LYS B 105 -1.73 5.48 -15.29
CA LYS B 105 -0.30 5.78 -15.10
C LYS B 105 0.54 4.56 -15.52
N VAL B 106 0.14 3.37 -15.08
CA VAL B 106 0.84 2.12 -15.42
C VAL B 106 0.73 1.77 -16.92
N SER B 107 -0.36 2.18 -17.56
CA SER B 107 -0.51 2.02 -19.03
C SER B 107 0.47 2.90 -19.82
N GLN B 108 0.51 4.20 -19.49
CA GLN B 108 1.28 5.19 -20.26
C GLN B 108 2.79 4.95 -20.18
N GLU B 109 3.40 5.22 -19.01
CA GLU B 109 4.85 5.06 -18.83
C GLU B 109 5.18 4.02 -17.75
N GLY B 110 4.83 4.31 -16.49
CA GLY B 110 4.98 3.40 -15.33
C GLY B 110 5.78 2.11 -15.50
N ASP B 111 5.05 0.99 -15.69
CA ASP B 111 5.64 -0.33 -16.01
C ASP B 111 6.61 -0.87 -14.92
N ASP B 112 7.86 -0.35 -14.93
CA ASP B 112 8.96 -0.83 -14.08
C ASP B 112 8.98 -0.06 -12.77
N ASP B 113 9.11 1.26 -12.88
CA ASP B 113 9.35 2.15 -11.72
C ASP B 113 8.05 2.61 -11.03
N HIS B 114 7.16 1.65 -10.70
CA HIS B 114 5.92 1.94 -9.97
C HIS B 114 5.63 0.79 -8.99
N PRO B 115 6.15 0.91 -7.74
CA PRO B 115 6.13 -0.21 -6.79
C PRO B 115 4.83 -0.46 -6.03
N ASP B 116 3.83 0.43 -6.17
CA ASP B 116 2.55 0.31 -5.46
C ASP B 116 1.42 -0.33 -6.30
N SER B 117 1.77 -1.02 -7.39
CA SER B 117 0.79 -1.74 -8.21
C SER B 117 0.26 -3.02 -7.54
N ILE B 118 1.00 -3.54 -6.55
CA ILE B 118 0.54 -4.70 -5.77
C ILE B 118 -0.76 -4.38 -5.02
N GLU B 119 -0.88 -3.14 -4.55
CA GLU B 119 -2.09 -2.64 -3.87
C GLU B 119 -3.35 -2.68 -4.76
N TYR B 120 -3.17 -2.42 -6.05
CA TYR B 120 -4.27 -2.44 -7.03
C TYR B 120 -4.38 -3.76 -7.82
N GLY B 121 -3.77 -4.83 -7.32
CA GLY B 121 -3.99 -6.18 -7.84
C GLY B 121 -3.24 -6.58 -9.09
N LEU B 122 -2.33 -5.73 -9.57
CA LEU B 122 -1.49 -6.07 -10.71
C LEU B 122 -0.36 -6.96 -10.23
N GLY B 123 -0.13 -8.08 -10.92
CA GLY B 123 0.90 -9.04 -10.55
C GLY B 123 1.24 -9.97 -11.69
N TYR B 124 1.59 -11.22 -11.39
CA TYR B 124 1.88 -12.20 -12.43
C TYR B 124 0.63 -12.55 -13.26
N ASP B 125 -0.49 -12.79 -12.56
CA ASP B 125 -1.76 -13.13 -13.22
C ASP B 125 -2.64 -11.90 -13.54
N CYS B 126 -2.15 -10.70 -13.22
CA CYS B 126 -2.63 -9.46 -13.85
C CYS B 126 -1.42 -8.58 -14.22
N PRO B 127 -0.75 -8.88 -15.36
CA PRO B 127 0.45 -8.15 -15.75
C PRO B 127 0.25 -6.63 -15.87
N ALA B 128 1.19 -5.88 -15.30
CA ALA B 128 1.19 -4.41 -15.33
C ALA B 128 1.91 -3.94 -16.59
N THR B 129 1.28 -4.17 -17.73
CA THR B 129 1.91 -3.98 -19.04
C THR B 129 1.24 -2.83 -19.81
N GLU B 130 2.03 -2.11 -20.61
CA GLU B 130 1.58 -0.87 -21.27
C GLU B 130 0.40 -1.09 -22.21
N GLY B 131 -0.52 -0.11 -22.23
CA GLY B 131 -1.70 -0.15 -23.07
C GLY B 131 -2.89 -0.93 -22.52
N ILE B 132 -2.82 -1.37 -21.26
CA ILE B 132 -3.95 -2.10 -20.65
C ILE B 132 -5.11 -1.21 -20.21
N PHE B 133 -4.86 0.08 -19.96
CA PHE B 133 -5.94 1.04 -19.70
C PHE B 133 -6.81 1.22 -20.95
N ASP B 134 -6.18 1.13 -22.12
CA ASP B 134 -6.87 1.26 -23.41
C ASP B 134 -7.72 0.02 -23.70
N TYR B 135 -7.13 -1.16 -23.49
CA TYR B 135 -7.89 -2.44 -23.52
C TYR B 135 -9.12 -2.36 -22.60
N ALA B 136 -8.90 -1.95 -21.35
CA ALA B 136 -9.97 -1.86 -20.35
C ALA B 136 -11.11 -0.94 -20.78
N ALA B 137 -10.76 0.21 -21.33
CA ALA B 137 -11.77 1.14 -21.82
C ALA B 137 -12.50 0.62 -23.06
N ALA B 138 -11.79 -0.09 -23.94
CA ALA B 138 -12.38 -0.69 -25.14
C ALA B 138 -13.37 -1.81 -24.77
N ILE B 139 -12.87 -2.74 -23.96
CA ILE B 139 -13.63 -3.85 -23.40
C ILE B 139 -14.87 -3.33 -22.63
N GLY B 140 -14.64 -2.39 -21.73
CA GLY B 140 -15.70 -1.80 -20.91
C GLY B 140 -16.72 -1.02 -21.70
N GLY B 141 -16.27 -0.23 -22.67
CA GLY B 141 -17.14 0.51 -23.56
C GLY B 141 -17.96 -0.37 -24.49
N ALA B 142 -17.36 -1.44 -25.01
CA ALA B 142 -18.08 -2.44 -25.83
C ALA B 142 -19.27 -3.03 -25.10
N THR B 143 -19.05 -3.50 -23.89
CA THR B 143 -20.12 -4.06 -23.05
C THR B 143 -21.19 -3.00 -22.71
N ILE B 144 -20.76 -1.76 -22.48
CA ILE B 144 -21.68 -0.63 -22.28
C ILE B 144 -22.49 -0.36 -23.55
N THR B 145 -21.82 -0.39 -24.70
CA THR B 145 -22.48 -0.19 -25.99
C THR B 145 -23.60 -1.20 -26.22
N ALA B 146 -23.32 -2.47 -25.91
CA ALA B 146 -24.32 -3.54 -26.00
C ALA B 146 -25.50 -3.32 -25.05
N ALA B 147 -25.21 -2.86 -23.84
CA ALA B 147 -26.26 -2.48 -22.88
C ALA B 147 -27.12 -1.35 -23.43
N GLN B 148 -26.49 -0.36 -24.06
CA GLN B 148 -27.20 0.78 -24.65
C GLN B 148 -28.12 0.36 -25.81
N CYS B 149 -27.68 -0.61 -26.62
CA CYS B 149 -28.50 -1.18 -27.71
C CYS B 149 -29.78 -1.87 -27.19
N LEU B 150 -29.68 -2.55 -26.06
CA LEU B 150 -30.85 -3.16 -25.41
C LEU B 150 -31.83 -2.12 -24.86
N ILE B 151 -31.30 -1.11 -24.16
CA ILE B 151 -32.10 -0.03 -23.57
C ILE B 151 -32.94 0.68 -24.63
N ASP B 152 -32.26 1.08 -25.71
CA ASP B 152 -32.93 1.72 -26.84
C ASP B 152 -33.96 0.77 -27.48
N GLY B 153 -33.64 -0.52 -27.50
CA GLY B 153 -34.57 -1.56 -27.94
C GLY B 153 -34.47 -1.92 -29.42
N MET B 154 -33.30 -1.68 -30.01
CA MET B 154 -33.02 -2.10 -31.38
C MET B 154 -32.84 -3.62 -31.51
N CYS B 155 -32.53 -4.29 -30.39
CA CYS B 155 -32.46 -5.76 -30.36
C CYS B 155 -32.89 -6.31 -29.00
N LYS B 156 -33.11 -7.62 -28.94
CA LYS B 156 -33.33 -8.34 -27.68
C LYS B 156 -32.09 -9.12 -27.20
N VAL B 157 -31.06 -9.21 -28.03
CA VAL B 157 -29.85 -9.96 -27.71
C VAL B 157 -28.66 -9.20 -28.29
N ALA B 158 -27.77 -8.71 -27.43
CA ALA B 158 -26.55 -8.03 -27.86
C ALA B 158 -25.34 -8.82 -27.40
N ILE B 159 -24.28 -8.82 -28.22
CA ILE B 159 -23.12 -9.71 -28.02
C ILE B 159 -21.78 -8.97 -28.04
N ASN B 160 -21.05 -9.08 -26.93
CA ASN B 160 -19.63 -8.71 -26.85
C ASN B 160 -18.88 -9.94 -26.38
N TRP B 161 -18.50 -10.81 -27.32
CA TRP B 161 -17.79 -12.05 -26.99
C TRP B 161 -16.44 -11.85 -26.31
N SER B 162 -15.77 -10.73 -26.55
CA SER B 162 -14.47 -10.45 -25.92
C SER B 162 -14.56 -9.74 -24.54
N GLY B 163 -15.78 -9.53 -24.04
CA GLY B 163 -16.01 -9.13 -22.64
C GLY B 163 -16.25 -10.32 -21.73
N GLY B 164 -16.83 -10.04 -20.56
CA GLY B 164 -17.07 -11.05 -19.52
C GLY B 164 -15.99 -11.23 -18.46
N TRP B 165 -15.31 -10.15 -18.10
CA TRP B 165 -14.16 -10.20 -17.18
C TRP B 165 -14.59 -10.00 -15.73
N HIS B 166 -15.29 -11.01 -15.26
CA HIS B 166 -16.03 -11.03 -13.98
C HIS B 166 -15.28 -10.90 -12.62
N HIS B 167 -13.96 -11.10 -12.58
CA HIS B 167 -13.20 -11.11 -11.32
C HIS B 167 -12.80 -9.72 -10.75
N ALA B 168 -12.63 -8.72 -11.62
CA ALA B 168 -12.16 -7.39 -11.21
C ALA B 168 -13.07 -6.72 -10.18
N LYS B 169 -12.45 -6.17 -9.14
CA LYS B 169 -13.15 -5.44 -8.07
C LYS B 169 -13.09 -3.94 -8.35
N LYS B 170 -13.82 -3.16 -7.56
CA LYS B 170 -13.91 -1.72 -7.78
C LYS B 170 -12.54 -1.03 -7.73
N ASP B 171 -11.65 -1.47 -6.84
CA ASP B 171 -10.32 -0.87 -6.69
C ASP B 171 -9.18 -1.89 -6.75
N GLU B 172 -9.36 -2.96 -7.53
CA GLU B 172 -8.40 -4.06 -7.57
C GLU B 172 -8.64 -4.99 -8.77
N ALA B 173 -7.60 -5.17 -9.59
CA ALA B 173 -7.62 -6.19 -10.63
C ALA B 173 -7.44 -7.55 -9.98
N SER B 174 -7.81 -8.59 -10.71
CA SER B 174 -7.83 -9.95 -10.16
C SER B 174 -8.09 -10.96 -11.26
N GLY B 175 -7.31 -12.03 -11.29
CA GLY B 175 -7.54 -13.13 -12.22
C GLY B 175 -7.64 -12.72 -13.67
N PHE B 176 -6.64 -11.96 -14.12
CA PHE B 176 -6.56 -11.49 -15.52
C PHE B 176 -7.70 -10.52 -15.92
N CYS B 177 -8.32 -9.88 -14.93
CA CYS B 177 -9.42 -8.93 -15.15
C CYS B 177 -9.01 -7.57 -14.60
N TYR B 178 -8.79 -6.62 -15.51
CA TYR B 178 -8.39 -5.24 -15.17
C TYR B 178 -9.60 -4.34 -14.91
N LEU B 179 -10.74 -4.68 -15.50
CA LEU B 179 -11.95 -3.87 -15.40
C LEU B 179 -13.16 -4.76 -15.59
N ASN B 180 -14.07 -4.74 -14.63
CA ASN B 180 -15.28 -5.57 -14.66
C ASN B 180 -16.31 -4.94 -15.58
N ASP B 181 -16.20 -5.27 -16.87
CA ASP B 181 -17.11 -4.77 -17.91
C ASP B 181 -18.56 -5.18 -17.67
N ALA B 182 -18.74 -6.40 -17.15
CA ALA B 182 -20.07 -6.92 -16.81
C ALA B 182 -20.82 -5.99 -15.88
N VAL B 183 -20.16 -5.58 -14.80
CA VAL B 183 -20.77 -4.70 -13.79
C VAL B 183 -21.20 -3.36 -14.41
N LEU B 184 -20.38 -2.84 -15.33
CA LEU B 184 -20.70 -1.59 -16.02
C LEU B 184 -21.94 -1.73 -16.91
N GLY B 185 -22.02 -2.85 -17.65
CA GLY B 185 -23.22 -3.16 -18.43
C GLY B 185 -24.46 -3.38 -17.59
N ILE B 186 -24.31 -4.05 -16.45
CA ILE B 186 -25.41 -4.22 -15.51
C ILE B 186 -25.83 -2.86 -14.96
N LEU B 187 -24.87 -2.01 -14.61
CA LEU B 187 -25.19 -0.65 -14.12
C LEU B 187 -25.85 0.20 -15.20
N ARG B 188 -25.47 0.01 -16.46
CA ARG B 188 -26.13 0.70 -17.59
C ARG B 188 -27.58 0.20 -17.78
N LEU B 189 -27.78 -1.11 -17.83
CA LEU B 189 -29.12 -1.70 -18.00
C LEU B 189 -30.10 -1.33 -16.88
N ARG B 190 -29.56 -1.04 -15.70
CA ARG B 190 -30.35 -0.58 -14.55
C ARG B 190 -31.10 0.74 -14.77
N ARG B 191 -30.72 1.51 -15.80
CA ARG B 191 -31.46 2.71 -16.18
C ARG B 191 -32.89 2.38 -16.60
N LYS B 192 -33.03 1.59 -17.66
CA LYS B 192 -34.37 1.19 -18.14
C LYS B 192 -34.98 0.06 -17.29
N PHE B 193 -34.18 -0.95 -16.95
CA PHE B 193 -34.72 -2.19 -16.36
C PHE B 193 -34.66 -2.21 -14.82
N GLU B 194 -35.74 -2.70 -14.21
CA GLU B 194 -35.94 -2.64 -12.75
C GLU B 194 -35.10 -3.66 -12.00
N ARG B 195 -35.14 -4.92 -12.48
CA ARG B 195 -34.37 -6.03 -11.92
C ARG B 195 -33.57 -6.73 -13.01
N ILE B 196 -32.32 -7.07 -12.69
CA ILE B 196 -31.38 -7.67 -13.65
C ILE B 196 -30.77 -8.96 -13.11
N LEU B 197 -30.89 -10.03 -13.89
CA LEU B 197 -30.35 -11.34 -13.52
C LEU B 197 -29.03 -11.52 -14.22
N TYR B 198 -27.97 -11.78 -13.45
CA TYR B 198 -26.65 -12.03 -13.98
C TYR B 198 -26.40 -13.51 -13.84
N VAL B 199 -26.20 -14.19 -14.97
CA VAL B 199 -25.92 -15.62 -14.99
C VAL B 199 -24.51 -15.82 -15.52
N ASP B 200 -23.72 -16.58 -14.78
CA ASP B 200 -22.29 -16.71 -15.04
C ASP B 200 -21.96 -18.23 -15.15
N LEU B 201 -21.68 -18.70 -16.37
CA LEU B 201 -21.40 -20.14 -16.63
C LEU B 201 -19.91 -20.49 -16.83
N ASP B 202 -19.02 -19.49 -16.75
CA ASP B 202 -17.56 -19.69 -16.68
C ASP B 202 -17.20 -20.71 -15.60
N LEU B 203 -16.06 -21.38 -15.77
CA LEU B 203 -15.57 -22.34 -14.79
C LEU B 203 -15.40 -21.72 -13.40
N HIS B 204 -14.97 -20.45 -13.37
CA HIS B 204 -14.60 -19.76 -12.14
C HIS B 204 -15.76 -18.97 -11.57
N HIS B 205 -15.80 -18.84 -10.24
CA HIS B 205 -16.86 -18.08 -9.57
C HIS B 205 -16.84 -16.63 -10.04
N GLY B 206 -18.02 -16.07 -10.29
CA GLY B 206 -18.16 -14.67 -10.70
C GLY B 206 -18.11 -13.76 -9.48
N ASP B 207 -16.93 -13.71 -8.85
CA ASP B 207 -16.78 -13.08 -7.53
C ASP B 207 -16.82 -11.55 -7.57
N GLY B 208 -16.26 -10.95 -8.62
CA GLY B 208 -16.26 -9.48 -8.76
C GLY B 208 -17.65 -8.92 -9.00
N VAL B 209 -18.40 -9.57 -9.89
CA VAL B 209 -19.76 -9.16 -10.20
C VAL B 209 -20.66 -9.37 -8.98
N GLU B 210 -20.46 -10.46 -8.26
CA GLU B 210 -21.20 -10.75 -7.02
C GLU B 210 -20.94 -9.69 -5.95
N ASP B 211 -19.66 -9.47 -5.62
CA ASP B 211 -19.30 -8.48 -4.59
C ASP B 211 -19.83 -7.08 -4.94
N ALA B 212 -19.84 -6.75 -6.24
CA ALA B 212 -20.30 -5.44 -6.68
C ALA B 212 -21.75 -5.18 -6.31
N PHE B 213 -22.56 -6.22 -6.31
CA PHE B 213 -23.99 -6.13 -6.05
C PHE B 213 -24.43 -6.96 -4.83
N SER B 214 -23.51 -7.40 -3.97
CA SER B 214 -23.83 -8.33 -2.85
C SER B 214 -24.79 -7.76 -1.80
N PHE B 215 -24.87 -6.43 -1.70
CA PHE B 215 -25.77 -5.74 -0.75
C PHE B 215 -27.09 -5.19 -1.35
N THR B 216 -27.38 -5.46 -2.63
CA THR B 216 -28.64 -5.03 -3.26
C THR B 216 -29.49 -6.23 -3.69
N SER B 217 -30.81 -6.01 -3.76
CA SER B 217 -31.75 -6.98 -4.33
C SER B 217 -32.15 -6.66 -5.78
N LYS B 218 -31.69 -5.51 -6.32
CA LYS B 218 -32.03 -5.12 -7.70
C LYS B 218 -31.30 -5.95 -8.75
N VAL B 219 -30.13 -6.49 -8.41
CA VAL B 219 -29.33 -7.33 -9.31
C VAL B 219 -29.14 -8.70 -8.66
N MET B 220 -29.52 -9.78 -9.34
CA MET B 220 -29.29 -11.15 -8.84
C MET B 220 -28.18 -11.83 -9.63
N THR B 221 -27.15 -12.29 -8.94
CA THR B 221 -26.05 -13.02 -9.56
C THR B 221 -26.22 -14.51 -9.35
N VAL B 222 -26.17 -15.28 -10.43
CA VAL B 222 -26.21 -16.74 -10.38
C VAL B 222 -24.90 -17.24 -11.00
N SER B 223 -24.29 -18.24 -10.37
CA SER B 223 -23.00 -18.73 -10.83
C SER B 223 -22.83 -20.26 -10.64
N LEU B 224 -22.60 -20.97 -11.75
CA LEU B 224 -22.18 -22.37 -11.71
C LEU B 224 -20.67 -22.42 -11.92
N HIS B 225 -19.93 -22.97 -10.95
CA HIS B 225 -18.45 -22.99 -10.99
C HIS B 225 -17.84 -24.19 -10.33
N LYS B 226 -16.56 -24.41 -10.64
CA LYS B 226 -15.74 -25.30 -9.84
C LYS B 226 -15.51 -24.66 -8.48
N PHE B 227 -15.59 -25.48 -7.43
CA PHE B 227 -15.28 -25.06 -6.06
C PHE B 227 -14.53 -26.22 -5.42
N SER B 228 -13.20 -26.06 -5.34
CA SER B 228 -12.30 -27.06 -4.74
C SER B 228 -11.22 -26.33 -3.99
N PRO B 229 -10.60 -26.98 -2.99
CA PRO B 229 -9.62 -26.24 -2.18
C PRO B 229 -8.38 -25.86 -3.01
N GLY B 230 -8.08 -24.56 -3.07
CA GLY B 230 -6.95 -24.06 -3.87
C GLY B 230 -7.33 -23.53 -5.25
N PHE B 231 -8.55 -23.81 -5.69
CA PHE B 231 -9.03 -23.36 -6.99
C PHE B 231 -9.48 -21.90 -6.91
N PHE B 232 -9.12 -21.13 -7.93
CA PHE B 232 -9.45 -19.70 -7.96
C PHE B 232 -10.98 -19.47 -8.13
N PRO B 233 -11.60 -18.50 -7.43
CA PRO B 233 -10.99 -17.56 -6.48
C PRO B 233 -11.18 -17.93 -5.00
N GLY B 234 -11.54 -19.17 -4.71
CA GLY B 234 -11.72 -19.62 -3.32
C GLY B 234 -13.11 -19.44 -2.77
N THR B 235 -13.82 -18.43 -3.27
CA THR B 235 -15.19 -18.11 -2.89
C THR B 235 -16.21 -18.86 -3.77
N GLY B 236 -17.48 -18.71 -3.40
CA GLY B 236 -18.62 -19.22 -4.17
C GLY B 236 -19.20 -20.55 -3.73
N ASP B 237 -19.16 -20.84 -2.42
CA ASP B 237 -19.83 -22.04 -1.88
C ASP B 237 -21.33 -21.78 -1.88
N VAL B 238 -22.13 -22.84 -1.82
CA VAL B 238 -23.59 -22.71 -1.92
C VAL B 238 -24.18 -21.80 -0.82
N SER B 239 -23.55 -21.80 0.35
CA SER B 239 -23.93 -20.91 1.48
C SER B 239 -23.62 -19.42 1.28
N ASP B 240 -22.83 -19.09 0.26
CA ASP B 240 -22.66 -17.68 -0.17
C ASP B 240 -23.97 -17.18 -0.79
N VAL B 241 -24.80 -16.54 0.03
CA VAL B 241 -26.14 -16.12 -0.38
C VAL B 241 -26.37 -14.60 -0.50
N GLY B 242 -25.38 -13.79 -0.10
CA GLY B 242 -25.49 -12.34 -0.12
C GLY B 242 -25.61 -11.77 1.28
N LEU B 243 -25.42 -10.47 1.40
CA LEU B 243 -25.35 -9.77 2.68
C LEU B 243 -26.37 -8.62 2.71
N GLY B 244 -26.95 -8.36 3.88
CA GLY B 244 -27.91 -7.27 4.05
C GLY B 244 -29.19 -7.54 3.27
N LYS B 245 -29.69 -6.52 2.57
CA LYS B 245 -30.87 -6.65 1.70
C LYS B 245 -30.60 -7.50 0.45
N GLY B 246 -29.33 -7.73 0.14
CA GLY B 246 -28.93 -8.71 -0.87
C GLY B 246 -28.87 -10.16 -0.41
N ARG B 247 -29.18 -10.44 0.86
CA ARG B 247 -29.27 -11.80 1.37
C ARG B 247 -30.27 -12.60 0.54
N TYR B 248 -29.91 -13.81 0.18
CA TYR B 248 -30.71 -14.67 -0.71
C TYR B 248 -30.82 -14.19 -2.18
N TYR B 249 -30.18 -13.07 -2.52
CA TYR B 249 -30.15 -12.56 -3.89
C TYR B 249 -28.77 -12.80 -4.56
N SER B 250 -27.96 -13.71 -3.99
CA SER B 250 -26.76 -14.24 -4.66
C SER B 250 -26.87 -15.76 -4.67
N VAL B 251 -26.86 -16.38 -5.85
CA VAL B 251 -26.94 -17.86 -5.99
C VAL B 251 -25.61 -18.39 -6.51
N ASN B 252 -25.15 -19.50 -5.94
CA ASN B 252 -23.85 -20.09 -6.28
C ASN B 252 -23.97 -21.61 -6.24
N VAL B 253 -23.50 -22.27 -7.30
CA VAL B 253 -23.60 -23.73 -7.42
C VAL B 253 -22.19 -24.33 -7.53
N PRO B 254 -21.67 -24.89 -6.42
CA PRO B 254 -20.36 -25.52 -6.47
C PRO B 254 -20.40 -26.89 -7.15
N ILE B 255 -19.69 -27.01 -8.26
CA ILE B 255 -19.63 -28.24 -9.04
C ILE B 255 -18.21 -28.81 -9.02
N GLN B 256 -18.11 -30.14 -8.92
CA GLN B 256 -16.84 -30.86 -8.97
C GLN B 256 -16.44 -31.22 -10.41
N ASP B 257 -15.19 -31.68 -10.56
CA ASP B 257 -14.59 -32.01 -11.86
C ASP B 257 -15.34 -33.04 -12.71
N GLY B 258 -15.14 -32.95 -14.02
CA GLY B 258 -15.59 -33.98 -14.94
C GLY B 258 -17.08 -34.03 -15.21
N ILE B 259 -17.79 -32.95 -14.95
CA ILE B 259 -19.21 -32.86 -15.29
C ILE B 259 -19.37 -32.74 -16.80
N GLN B 260 -20.45 -33.32 -17.33
CA GLN B 260 -20.78 -33.30 -18.77
C GLN B 260 -22.17 -32.66 -19.00
N ASP B 261 -22.62 -32.62 -20.25
CA ASP B 261 -23.77 -31.80 -20.67
C ASP B 261 -25.09 -32.11 -19.98
N GLU B 262 -25.45 -33.39 -19.87
CA GLU B 262 -26.76 -33.75 -19.31
C GLU B 262 -26.90 -33.31 -17.85
N LYS B 263 -25.94 -33.70 -17.02
CA LYS B 263 -25.98 -33.41 -15.59
C LYS B 263 -25.75 -31.94 -15.28
N TYR B 264 -25.03 -31.23 -16.16
CA TYR B 264 -24.87 -29.76 -16.03
C TYR B 264 -26.15 -29.00 -16.33
N TYR B 265 -26.85 -29.39 -17.39
CA TYR B 265 -28.12 -28.73 -17.76
C TYR B 265 -29.24 -28.97 -16.74
N GLN B 266 -29.33 -30.20 -16.22
CA GLN B 266 -30.31 -30.51 -15.17
C GLN B 266 -30.15 -29.56 -13.98
N ILE B 267 -28.90 -29.38 -13.56
CA ILE B 267 -28.55 -28.44 -12.49
C ILE B 267 -28.96 -27.03 -12.91
N CYS B 268 -28.44 -26.60 -14.05
CA CYS B 268 -28.69 -25.24 -14.54
C CYS B 268 -30.19 -24.91 -14.68
N GLU B 269 -30.94 -25.76 -15.39
CA GLU B 269 -32.39 -25.58 -15.57
C GLU B 269 -33.17 -25.60 -14.23
N SER B 270 -32.81 -26.52 -13.34
CA SER B 270 -33.42 -26.61 -12.01
C SER B 270 -33.25 -25.30 -11.21
N VAL B 271 -32.08 -24.69 -11.33
CA VAL B 271 -31.79 -23.41 -10.67
C VAL B 271 -32.51 -22.25 -11.36
N LEU B 272 -32.37 -22.16 -12.68
CA LEU B 272 -32.93 -21.02 -13.45
C LEU B 272 -34.46 -20.99 -13.55
N LYS B 273 -35.13 -22.12 -13.30
CA LYS B 273 -36.59 -22.14 -13.17
C LYS B 273 -36.99 -21.47 -11.87
N GLU B 274 -36.34 -21.87 -10.78
CA GLU B 274 -36.62 -21.35 -9.43
C GLU B 274 -36.28 -19.86 -9.33
N VAL B 275 -35.17 -19.46 -9.96
CA VAL B 275 -34.72 -18.07 -9.98
C VAL B 275 -35.66 -17.17 -10.79
N TYR B 276 -36.14 -17.67 -11.92
CA TYR B 276 -37.04 -16.90 -12.78
C TYR B 276 -38.38 -16.61 -12.11
N GLN B 277 -38.93 -17.62 -11.44
CA GLN B 277 -40.18 -17.47 -10.69
C GLN B 277 -40.04 -16.57 -9.45
N ALA B 278 -38.90 -16.68 -8.77
CA ALA B 278 -38.64 -15.89 -7.58
C ALA B 278 -38.27 -14.45 -7.93
N PHE B 279 -37.24 -14.30 -8.76
CA PHE B 279 -36.65 -13.00 -9.01
C PHE B 279 -37.42 -12.15 -10.02
N ASN B 280 -38.03 -12.80 -11.01
CA ASN B 280 -38.89 -12.13 -12.00
C ASN B 280 -38.14 -10.99 -12.71
N PRO B 281 -37.00 -11.31 -13.34
CA PRO B 281 -36.12 -10.27 -13.88
C PRO B 281 -36.70 -9.57 -15.11
N LYS B 282 -36.31 -8.29 -15.31
CA LYS B 282 -36.68 -7.55 -16.54
C LYS B 282 -35.62 -7.58 -17.66
N ALA B 283 -34.40 -8.05 -17.37
CA ALA B 283 -33.33 -8.22 -18.38
C ALA B 283 -32.22 -9.11 -17.84
N VAL B 284 -31.33 -9.58 -18.73
CA VAL B 284 -30.31 -10.58 -18.36
C VAL B 284 -28.92 -10.18 -18.88
N VAL B 285 -27.89 -10.54 -18.10
CA VAL B 285 -26.49 -10.46 -18.52
C VAL B 285 -25.91 -11.85 -18.30
N LEU B 286 -25.40 -12.42 -19.38
CA LEU B 286 -25.05 -13.83 -19.43
C LEU B 286 -23.59 -13.94 -19.84
N GLN B 287 -22.76 -14.45 -18.91
CA GLN B 287 -21.33 -14.62 -19.13
C GLN B 287 -21.13 -16.08 -19.50
N LEU B 288 -20.53 -16.35 -20.66
CA LEU B 288 -20.42 -17.73 -21.20
C LEU B 288 -18.98 -18.16 -21.45
N GLY B 289 -18.11 -17.93 -20.47
CA GLY B 289 -16.70 -18.32 -20.59
C GLY B 289 -16.53 -19.80 -20.91
N ALA B 290 -15.64 -20.09 -21.83
CA ALA B 290 -15.49 -21.45 -22.39
C ALA B 290 -14.42 -22.32 -21.72
N ASP B 291 -13.88 -21.88 -20.58
CA ASP B 291 -12.98 -22.73 -19.76
C ASP B 291 -13.67 -23.90 -19.03
N THR B 292 -14.99 -24.01 -19.16
CA THR B 292 -15.71 -25.24 -18.82
C THR B 292 -15.53 -26.34 -19.87
N ILE B 293 -15.13 -25.99 -21.09
CA ILE B 293 -15.15 -26.92 -22.23
C ILE B 293 -13.99 -27.91 -22.19
N ALA B 294 -14.27 -29.16 -22.58
CA ALA B 294 -13.25 -30.21 -22.64
C ALA B 294 -12.07 -29.84 -23.56
N GLY B 295 -10.87 -30.22 -23.13
CA GLY B 295 -9.64 -29.89 -23.82
C GLY B 295 -9.04 -28.55 -23.44
N ASP B 296 -9.61 -27.90 -22.43
CA ASP B 296 -9.09 -26.64 -21.93
C ASP B 296 -7.97 -26.96 -20.95
N PRO B 297 -6.85 -26.19 -21.00
CA PRO B 297 -5.77 -26.26 -20.01
C PRO B 297 -6.21 -26.34 -18.53
N MET B 298 -7.38 -25.77 -18.21
CA MET B 298 -7.97 -25.86 -16.87
C MET B 298 -8.35 -27.28 -16.46
N CYS B 299 -8.47 -28.19 -17.44
CA CYS B 299 -8.62 -29.63 -17.22
C CYS B 299 -9.57 -29.97 -16.03
N SER B 300 -10.67 -29.23 -15.92
CA SER B 300 -11.59 -29.30 -14.77
C SER B 300 -12.96 -29.88 -15.11
N PHE B 301 -13.78 -29.15 -15.88
CA PHE B 301 -15.05 -29.68 -16.37
C PHE B 301 -14.85 -30.42 -17.68
N ASN B 302 -15.88 -31.19 -18.06
CA ASN B 302 -15.88 -31.98 -19.28
C ASN B 302 -17.11 -31.63 -20.15
N MET B 303 -17.37 -30.33 -20.31
CA MET B 303 -18.49 -29.84 -21.11
C MET B 303 -18.22 -29.85 -22.62
N THR B 304 -19.29 -29.79 -23.40
CA THR B 304 -19.23 -29.47 -24.82
C THR B 304 -20.16 -28.28 -25.07
N PRO B 305 -19.92 -27.51 -26.15
CA PRO B 305 -20.80 -26.36 -26.44
C PRO B 305 -22.31 -26.68 -26.56
N VAL B 306 -22.66 -27.92 -26.92
CA VAL B 306 -24.07 -28.37 -26.92
C VAL B 306 -24.78 -28.10 -25.60
N GLY B 307 -24.16 -28.54 -24.49
CA GLY B 307 -24.73 -28.40 -23.15
C GLY B 307 -24.89 -26.97 -22.67
N ILE B 308 -23.93 -26.11 -22.99
CA ILE B 308 -24.01 -24.68 -22.65
C ILE B 308 -25.09 -24.02 -23.50
N GLY B 309 -25.20 -24.44 -24.76
CA GLY B 309 -26.25 -23.98 -25.65
C GLY B 309 -27.66 -24.25 -25.16
N LYS B 310 -27.87 -25.36 -24.45
CA LYS B 310 -29.16 -25.63 -23.79
C LYS B 310 -29.47 -24.62 -22.67
N CYS B 311 -28.48 -24.35 -21.82
CA CYS B 311 -28.60 -23.31 -20.79
C CYS B 311 -28.91 -21.96 -21.42
N LEU B 312 -28.22 -21.64 -22.51
CA LEU B 312 -28.49 -20.45 -23.30
C LEU B 312 -29.89 -20.50 -23.90
N LYS B 313 -30.28 -21.65 -24.47
CA LYS B 313 -31.62 -21.82 -25.05
C LYS B 313 -32.70 -21.49 -24.02
N TYR B 314 -32.52 -22.00 -22.81
CA TYR B 314 -33.49 -21.80 -21.73
C TYR B 314 -33.70 -20.32 -21.43
N ILE B 315 -32.59 -19.56 -21.32
CA ILE B 315 -32.65 -18.12 -21.00
C ILE B 315 -33.30 -17.31 -22.13
N LEU B 316 -32.96 -17.64 -23.37
CA LEU B 316 -33.54 -16.96 -24.55
C LEU B 316 -35.06 -17.15 -24.68
N GLN B 317 -35.55 -18.31 -24.23
CA GLN B 317 -36.98 -18.60 -24.08
C GLN B 317 -37.75 -17.56 -23.25
N TRP B 318 -37.10 -16.94 -22.26
CA TRP B 318 -37.72 -15.85 -21.47
C TRP B 318 -38.10 -14.59 -22.26
N GLN B 319 -37.49 -14.40 -23.43
CA GLN B 319 -37.78 -13.26 -24.31
C GLN B 319 -37.43 -11.89 -23.68
N LEU B 320 -36.50 -11.87 -22.72
CA LEU B 320 -36.05 -10.63 -22.07
C LEU B 320 -34.77 -10.13 -22.74
N ALA B 321 -34.50 -8.84 -22.59
CA ALA B 321 -33.28 -8.23 -23.13
C ALA B 321 -32.07 -8.91 -22.52
N THR B 322 -31.15 -9.36 -23.37
CA THR B 322 -30.09 -10.29 -22.95
C THR B 322 -28.74 -9.88 -23.54
N LEU B 323 -27.83 -9.47 -22.64
CA LEU B 323 -26.46 -9.11 -23.01
C LEU B 323 -25.54 -10.34 -22.89
N ILE B 324 -24.98 -10.76 -24.02
CA ILE B 324 -24.10 -11.94 -24.10
C ILE B 324 -22.63 -11.52 -24.01
N LEU B 325 -21.90 -12.20 -23.13
CA LEU B 325 -20.48 -11.98 -22.92
C LEU B 325 -19.77 -13.32 -22.93
N GLY B 326 -18.48 -13.27 -23.25
CA GLY B 326 -17.60 -14.43 -23.16
C GLY B 326 -16.94 -14.46 -21.80
N GLY B 327 -15.61 -14.47 -21.79
CA GLY B 327 -14.83 -14.57 -20.55
C GLY B 327 -13.60 -15.43 -20.73
N GLY B 328 -13.44 -16.41 -19.85
CA GLY B 328 -12.33 -17.36 -19.94
C GLY B 328 -12.49 -18.25 -21.15
N GLY B 329 -11.57 -19.19 -21.32
CA GLY B 329 -11.53 -20.05 -22.50
C GLY B 329 -10.13 -19.98 -23.11
N TYR B 330 -9.37 -21.06 -22.90
CA TYR B 330 -7.92 -21.06 -23.11
C TYR B 330 -7.39 -22.10 -24.10
N ASN B 331 -8.21 -23.07 -24.47
CA ASN B 331 -8.00 -23.79 -25.73
C ASN B 331 -8.66 -22.90 -26.81
N LEU B 332 -7.86 -21.96 -27.34
CA LEU B 332 -8.34 -20.92 -28.26
C LEU B 332 -9.26 -21.43 -29.38
N ALA B 333 -8.89 -22.57 -29.98
CA ALA B 333 -9.70 -23.19 -31.04
C ALA B 333 -11.09 -23.57 -30.52
N ASN B 334 -11.10 -24.37 -29.45
CA ASN B 334 -12.33 -24.76 -28.75
C ASN B 334 -13.17 -23.57 -28.23
N THR B 335 -12.50 -22.50 -27.83
CA THR B 335 -13.20 -21.29 -27.38
C THR B 335 -13.89 -20.59 -28.54
N ALA B 336 -13.28 -20.62 -29.73
CA ALA B 336 -13.92 -20.11 -30.96
C ALA B 336 -15.05 -21.03 -31.44
N ARG B 337 -14.80 -22.35 -31.45
CA ARG B 337 -15.82 -23.36 -31.75
C ARG B 337 -17.08 -23.15 -30.92
N CYS B 338 -16.87 -22.97 -29.62
CA CYS B 338 -17.96 -22.82 -28.67
C CYS B 338 -18.76 -21.57 -28.94
N TRP B 339 -18.10 -20.41 -28.92
CA TRP B 339 -18.78 -19.13 -29.09
C TRP B 339 -19.37 -18.92 -30.50
N THR B 340 -18.85 -19.65 -31.49
CA THR B 340 -19.45 -19.67 -32.81
C THR B 340 -20.72 -20.53 -32.78
N TYR B 341 -20.64 -21.72 -32.18
CA TYR B 341 -21.82 -22.57 -31.98
C TYR B 341 -22.91 -21.86 -31.16
N LEU B 342 -22.50 -21.12 -30.13
CA LEU B 342 -23.44 -20.38 -29.28
C LEU B 342 -24.05 -19.15 -29.98
N THR B 343 -23.32 -18.55 -30.92
CA THR B 343 -23.93 -17.59 -31.85
C THR B 343 -24.96 -18.31 -32.73
N GLY B 344 -24.63 -19.54 -33.12
CA GLY B 344 -25.54 -20.43 -33.83
C GLY B 344 -26.91 -20.57 -33.18
N VAL B 345 -26.93 -20.80 -31.87
CA VAL B 345 -28.21 -20.97 -31.15
C VAL B 345 -28.96 -19.64 -31.00
N ILE B 346 -28.23 -18.53 -30.84
CA ILE B 346 -28.84 -17.20 -30.75
C ILE B 346 -29.58 -16.87 -32.04
N LEU B 347 -28.97 -17.19 -33.17
CA LEU B 347 -29.59 -16.96 -34.49
C LEU B 347 -30.65 -18.00 -34.89
N GLY B 348 -30.77 -19.09 -34.14
CA GLY B 348 -31.69 -20.18 -34.46
C GLY B 348 -31.24 -21.01 -35.66
N LYS B 349 -29.95 -20.92 -36.02
CA LYS B 349 -29.39 -21.65 -37.15
C LYS B 349 -28.61 -22.86 -36.65
N THR B 350 -28.45 -23.84 -37.51
CA THR B 350 -27.69 -25.05 -37.20
C THR B 350 -26.53 -25.15 -38.20
N LEU B 351 -25.31 -25.23 -37.67
CA LEU B 351 -24.07 -25.05 -38.45
C LEU B 351 -23.43 -26.38 -38.84
N SER B 352 -22.86 -26.42 -40.05
CA SER B 352 -22.30 -27.66 -40.57
C SER B 352 -21.09 -28.11 -39.75
N SER B 353 -20.88 -29.43 -39.75
CA SER B 353 -19.84 -30.06 -38.95
C SER B 353 -18.44 -29.62 -39.38
N GLU B 354 -18.17 -29.65 -40.68
CA GLU B 354 -16.84 -29.31 -41.20
C GLU B 354 -16.54 -27.81 -41.02
N ILE B 355 -15.32 -27.51 -40.57
CA ILE B 355 -14.86 -26.12 -40.35
C ILE B 355 -14.53 -25.51 -41.71
N PRO B 356 -15.17 -24.37 -42.07
CA PRO B 356 -14.81 -23.62 -43.27
C PRO B 356 -13.36 -23.17 -43.33
N ASP B 357 -12.85 -22.98 -44.54
CA ASP B 357 -11.47 -22.54 -44.74
C ASP B 357 -11.46 -21.03 -44.45
N HIS B 358 -10.55 -20.61 -43.58
CA HIS B 358 -10.41 -19.21 -43.16
C HIS B 358 -9.02 -19.00 -42.54
N GLU B 359 -8.71 -17.74 -42.21
CA GLU B 359 -7.38 -17.31 -41.72
C GLU B 359 -6.68 -18.29 -40.77
N PHE B 360 -7.42 -18.81 -39.79
CA PHE B 360 -6.87 -19.66 -38.73
C PHE B 360 -7.23 -21.14 -38.89
N PHE B 361 -7.38 -21.61 -40.14
CA PHE B 361 -7.85 -22.98 -40.38
C PHE B 361 -6.96 -24.05 -39.74
N THR B 362 -5.64 -23.89 -39.87
CA THR B 362 -4.69 -24.88 -39.31
C THR B 362 -4.81 -25.09 -37.79
N ALA B 363 -5.30 -24.07 -37.07
CA ALA B 363 -5.54 -24.17 -35.62
C ALA B 363 -6.59 -25.20 -35.21
N TYR B 364 -7.47 -25.60 -36.15
CA TYR B 364 -8.56 -26.54 -35.85
C TYR B 364 -8.21 -28.01 -36.19
N GLY B 365 -6.92 -28.32 -36.31
CA GLY B 365 -6.48 -29.70 -36.53
C GLY B 365 -6.54 -30.52 -35.25
N PRO B 366 -6.49 -31.85 -35.35
CA PRO B 366 -6.32 -32.60 -36.59
C PRO B 366 -7.59 -33.07 -37.32
N ASP B 367 -8.78 -32.87 -36.72
CA ASP B 367 -10.05 -33.35 -37.32
C ASP B 367 -10.90 -32.27 -38.03
N TYR B 368 -10.68 -31.00 -37.72
CA TYR B 368 -11.27 -29.87 -38.45
C TYR B 368 -12.81 -29.88 -38.51
N VAL B 369 -13.41 -30.15 -37.35
CA VAL B 369 -14.87 -30.24 -37.17
C VAL B 369 -15.28 -29.33 -36.01
N LEU B 370 -16.53 -28.86 -36.03
CA LEU B 370 -17.04 -27.95 -34.99
C LEU B 370 -17.33 -28.63 -33.64
N GLU B 371 -17.64 -29.93 -33.64
CA GLU B 371 -17.99 -30.65 -32.40
C GLU B 371 -16.75 -30.94 -31.57
N ILE B 372 -16.89 -30.77 -30.26
CA ILE B 372 -15.85 -31.08 -29.28
C ILE B 372 -16.26 -32.32 -28.51
N THR B 373 -15.34 -33.28 -28.39
CA THR B 373 -15.61 -34.56 -27.73
C THR B 373 -15.20 -34.50 -26.26
N PRO B 374 -16.05 -35.03 -25.36
CA PRO B 374 -15.65 -35.07 -23.96
C PRO B 374 -14.41 -35.92 -23.70
N SER B 375 -13.61 -35.51 -22.72
CA SER B 375 -12.47 -36.30 -22.23
C SER B 375 -12.94 -37.57 -21.52
N CYS B 376 -11.97 -38.43 -21.23
CA CYS B 376 -12.24 -39.71 -20.57
C CYS B 376 -11.88 -39.66 -19.08
N ARG B 377 -12.34 -38.61 -18.40
CA ARG B 377 -12.15 -38.43 -16.96
C ARG B 377 -13.50 -38.64 -16.25
N PRO B 378 -13.47 -39.15 -15.00
CA PRO B 378 -14.72 -39.47 -14.32
C PRO B 378 -15.45 -38.24 -13.79
N ASP B 379 -16.78 -38.32 -13.73
CA ASP B 379 -17.62 -37.26 -13.14
C ASP B 379 -17.51 -37.33 -11.62
N ARG B 380 -16.74 -36.41 -11.04
CA ARG B 380 -16.52 -36.36 -9.59
C ARG B 380 -17.73 -35.89 -8.78
N ASN B 381 -18.78 -35.41 -9.43
CA ASN B 381 -20.04 -35.07 -8.76
C ASN B 381 -20.85 -36.31 -8.42
N GLU B 382 -21.10 -36.57 -7.14
CA GLU B 382 -22.06 -37.61 -6.74
C GLU B 382 -23.48 -37.05 -6.81
N PRO B 383 -24.48 -37.88 -7.23
CA PRO B 383 -25.85 -37.36 -7.33
C PRO B 383 -26.47 -36.85 -6.01
N HIS B 384 -26.11 -37.45 -4.86
CA HIS B 384 -26.72 -37.06 -3.57
C HIS B 384 -26.31 -35.63 -3.17
N ARG B 385 -25.03 -35.30 -3.30
CA ARG B 385 -24.53 -33.95 -2.97
C ARG B 385 -25.14 -32.85 -3.85
N ILE B 386 -25.38 -33.15 -5.13
CA ILE B 386 -26.02 -32.18 -6.02
C ILE B 386 -27.46 -31.89 -5.56
N GLN B 387 -28.17 -32.95 -5.18
CA GLN B 387 -29.58 -32.84 -4.80
C GLN B 387 -29.77 -31.96 -3.57
N GLN B 388 -28.83 -32.08 -2.63
CA GLN B 388 -28.74 -31.16 -1.48
C GLN B 388 -28.55 -29.71 -1.92
N ILE B 389 -27.61 -29.48 -2.85
CA ILE B 389 -27.34 -28.14 -3.37
C ILE B 389 -28.60 -27.51 -3.98
N LEU B 390 -29.36 -28.29 -4.74
CA LEU B 390 -30.53 -27.76 -5.42
C LEU B 390 -31.69 -27.53 -4.46
N ASN B 391 -31.85 -28.41 -3.47
CA ASN B 391 -32.82 -28.22 -2.38
C ASN B 391 -32.48 -26.97 -1.59
N TYR B 392 -31.19 -26.78 -1.31
CA TYR B 392 -30.71 -25.63 -0.53
C TYR B 392 -31.00 -24.31 -1.25
N ILE B 393 -30.80 -24.29 -2.56
CA ILE B 393 -31.13 -23.11 -3.39
C ILE B 393 -32.64 -22.86 -3.45
N LYS B 394 -33.45 -23.94 -3.51
CA LYS B 394 -34.93 -23.81 -3.42
C LYS B 394 -35.31 -23.03 -2.18
N GLY B 395 -34.79 -23.45 -1.03
CA GLY B 395 -34.97 -22.76 0.25
C GLY B 395 -34.60 -21.31 0.20
N ASN B 396 -33.43 -21.00 -0.36
CA ASN B 396 -32.96 -19.61 -0.48
C ASN B 396 -33.94 -18.79 -1.31
N LEU B 397 -34.33 -19.30 -2.46
CA LEU B 397 -35.25 -18.58 -3.35
C LEU B 397 -36.70 -18.60 -2.87
N LYS B 398 -37.02 -19.49 -1.92
CA LYS B 398 -38.32 -19.46 -1.21
C LYS B 398 -38.45 -18.16 -0.43
N HIS B 399 -37.36 -17.70 0.18
CA HIS B 399 -37.34 -16.41 0.89
C HIS B 399 -37.38 -15.22 -0.09
N VAL B 400 -38.45 -15.12 -0.90
CA VAL B 400 -38.66 -13.98 -1.80
C VAL B 400 -40.18 -13.72 -1.97
N LEU C 38 -13.02 34.86 -2.01
CA LEU C 38 -13.26 33.46 -1.57
C LEU C 38 -11.98 32.62 -1.64
N VAL C 39 -11.26 32.70 -2.77
CA VAL C 39 -10.00 31.96 -2.93
C VAL C 39 -8.88 32.68 -2.18
N PRO C 40 -7.96 31.92 -1.55
CA PRO C 40 -6.94 32.55 -0.72
C PRO C 40 -5.81 33.15 -1.56
N VAL C 41 -5.31 34.31 -1.11
CA VAL C 41 -4.17 34.97 -1.73
C VAL C 41 -2.87 34.27 -1.32
N TYR C 42 -1.96 34.14 -2.28
CA TYR C 42 -0.63 33.57 -2.07
C TYR C 42 0.37 34.64 -2.52
N ILE C 43 1.17 35.15 -1.60
CA ILE C 43 2.07 36.28 -1.90
C ILE C 43 3.36 35.76 -2.54
N TYR C 44 3.56 36.04 -3.82
CA TYR C 44 4.74 35.56 -4.55
C TYR C 44 5.15 36.44 -5.75
N SER C 45 6.46 36.62 -5.92
CA SER C 45 7.05 36.99 -7.22
C SER C 45 8.42 36.30 -7.36
N PRO C 46 8.92 36.16 -8.61
CA PRO C 46 10.26 35.60 -8.80
C PRO C 46 11.37 36.35 -8.06
N GLU C 47 11.28 37.68 -8.03
CA GLU C 47 12.28 38.53 -7.36
C GLU C 47 12.27 38.32 -5.85
N TYR C 48 11.07 38.30 -5.29
CA TYR C 48 10.87 38.13 -3.84
C TYR C 48 11.44 36.81 -3.30
N VAL C 49 11.20 35.71 -4.00
CA VAL C 49 11.75 34.40 -3.64
C VAL C 49 13.27 34.41 -3.82
N SER C 50 13.74 34.91 -4.97
CA SER C 50 15.17 35.08 -5.27
C SER C 50 15.90 35.88 -4.18
N MET C 51 15.22 36.89 -3.66
CA MET C 51 15.75 37.75 -2.59
C MET C 51 15.65 37.06 -1.21
N CYS C 52 14.58 36.29 -0.97
CA CYS C 52 14.43 35.45 0.25
C CYS C 52 15.35 34.23 0.27
N ASP C 53 15.76 33.74 -0.90
CA ASP C 53 16.89 32.80 -1.00
C ASP C 53 18.14 33.59 -0.63
N SER C 54 19.08 32.95 0.07
CA SER C 54 20.28 33.61 0.63
C SER C 54 20.01 34.45 1.89
N LEU C 55 19.12 33.94 2.74
CA LEU C 55 19.07 34.33 4.14
C LEU C 55 19.88 33.29 4.92
N ALA C 56 20.49 33.72 6.02
CA ALA C 56 21.42 32.90 6.81
C ALA C 56 20.80 31.61 7.36
N LYS C 57 21.48 30.49 7.13
CA LYS C 57 21.05 29.15 7.57
C LYS C 57 19.71 28.70 6.95
N ILE C 58 19.34 29.27 5.80
CA ILE C 58 18.07 28.98 5.14
C ILE C 58 18.22 29.01 3.59
N PRO C 59 19.39 28.63 3.05
CA PRO C 59 19.69 28.89 1.64
C PRO C 59 18.70 28.22 0.67
N LYS C 60 18.26 28.97 -0.34
CA LYS C 60 17.28 28.51 -1.34
C LYS C 60 15.97 27.90 -0.78
N ARG C 61 15.62 28.17 0.48
CA ARG C 61 14.47 27.54 1.11
C ARG C 61 13.17 28.06 0.51
N ALA C 62 13.11 29.36 0.25
CA ALA C 62 11.93 29.97 -0.36
C ALA C 62 11.65 29.42 -1.77
N SER C 63 12.69 29.11 -2.53
CA SER C 63 12.54 28.42 -3.83
C SER C 63 12.03 27.00 -3.62
N MET C 64 12.63 26.28 -2.67
CA MET C 64 12.17 24.92 -2.32
C MET C 64 10.68 24.86 -1.94
N VAL C 65 10.22 25.83 -1.16
CA VAL C 65 8.83 25.90 -0.72
C VAL C 65 7.88 26.25 -1.86
N HIS C 66 8.23 27.26 -2.63
CA HIS C 66 7.46 27.64 -3.81
C HIS C 66 7.47 26.55 -4.90
N SER C 67 8.66 26.02 -5.21
CA SER C 67 8.84 25.00 -6.26
C SER C 67 8.03 23.73 -5.97
N LEU C 68 7.99 23.32 -4.70
CA LEU C 68 7.16 22.21 -4.27
C LEU C 68 5.66 22.52 -4.39
N ILE C 69 5.25 23.75 -4.07
CA ILE C 69 3.85 24.18 -4.24
C ILE C 69 3.45 24.22 -5.74
N GLU C 70 4.35 24.74 -6.57
CA GLU C 70 4.19 24.74 -8.03
C GLU C 70 4.16 23.31 -8.58
N ALA C 71 4.95 22.41 -8.00
CA ALA C 71 4.95 20.99 -8.36
C ALA C 71 3.64 20.26 -8.03
N TYR C 72 2.97 20.67 -6.96
CA TYR C 72 1.62 20.18 -6.63
C TYR C 72 0.51 21.01 -7.29
N ALA C 73 0.88 22.03 -8.07
CA ALA C 73 -0.04 22.86 -8.84
C ALA C 73 -1.05 23.63 -7.98
N LEU C 74 -0.64 23.97 -6.75
CA LEU C 74 -1.54 24.62 -5.78
C LEU C 74 -1.68 26.11 -6.04
N HIS C 75 -0.64 26.74 -6.59
CA HIS C 75 -0.71 28.13 -7.08
C HIS C 75 -1.88 28.38 -8.05
N LYS C 76 -2.27 27.36 -8.81
CA LYS C 76 -3.43 27.45 -9.72
C LYS C 76 -4.81 27.45 -9.04
N GLN C 77 -4.88 27.29 -7.72
CA GLN C 77 -6.11 27.45 -6.95
C GLN C 77 -6.05 28.67 -5.99
N MET C 78 -5.09 29.56 -6.23
CA MET C 78 -4.84 30.73 -5.39
C MET C 78 -4.57 31.98 -6.22
N ARG C 79 -4.78 33.15 -5.61
CA ARG C 79 -4.53 34.43 -6.26
C ARG C 79 -3.09 34.86 -5.96
N ILE C 80 -2.27 34.91 -7.02
CA ILE C 80 -0.85 35.21 -6.90
C ILE C 80 -0.65 36.73 -6.92
N VAL C 81 -0.47 37.30 -5.73
CA VAL C 81 -0.29 38.75 -5.57
C VAL C 81 1.20 39.06 -5.42
N LYS C 82 1.75 39.82 -6.37
CA LYS C 82 3.13 40.28 -6.27
C LYS C 82 3.25 41.21 -5.06
N PRO C 83 4.27 41.00 -4.19
CA PRO C 83 4.39 41.83 -2.99
C PRO C 83 4.94 43.21 -3.30
N LYS C 84 4.42 44.23 -2.60
CA LYS C 84 4.99 45.57 -2.62
C LYS C 84 6.15 45.62 -1.61
N VAL C 85 7.25 46.28 -1.97
CA VAL C 85 8.37 46.48 -1.05
C VAL C 85 7.93 47.50 -0.02
N ALA C 86 8.24 47.26 1.26
CA ALA C 86 7.86 48.17 2.34
C ALA C 86 8.64 49.47 2.26
N SER C 87 7.91 50.59 2.27
CA SER C 87 8.52 51.92 2.35
C SER C 87 9.02 52.19 3.76
N MET C 88 9.95 53.13 3.88
CA MET C 88 10.48 53.53 5.20
C MET C 88 9.39 53.98 6.16
N GLU C 89 8.34 54.59 5.60
CA GLU C 89 7.14 54.98 6.32
C GLU C 89 6.53 53.77 7.05
N GLU C 90 6.22 52.73 6.28
CA GLU C 90 5.51 51.55 6.80
C GLU C 90 6.31 50.79 7.86
N MET C 91 7.60 50.58 7.60
CA MET C 91 8.49 49.89 8.54
C MET C 91 8.63 50.66 9.87
N ALA C 92 8.54 51.99 9.80
CA ALA C 92 8.63 52.85 10.98
C ALA C 92 7.40 52.82 11.91
N THR C 93 6.29 52.21 11.48
CA THR C 93 5.13 52.01 12.35
C THR C 93 5.46 51.18 13.62
N PHE C 94 6.46 50.31 13.52
CA PHE C 94 6.99 49.60 14.70
C PHE C 94 8.45 49.95 15.03
N HIS C 95 9.32 49.99 14.02
CA HIS C 95 10.76 50.19 14.24
C HIS C 95 11.16 51.67 14.40
N THR C 96 12.21 51.89 15.21
CA THR C 96 12.75 53.22 15.48
C THR C 96 13.62 53.69 14.30
N ASP C 97 13.52 54.99 13.96
CA ASP C 97 14.28 55.55 12.84
C ASP C 97 15.80 55.30 12.96
N ALA C 98 16.30 55.30 14.19
CA ALA C 98 17.68 54.93 14.50
C ALA C 98 18.07 53.55 13.96
N TYR C 99 17.18 52.58 14.14
CA TYR C 99 17.44 51.19 13.73
C TYR C 99 17.35 50.98 12.22
N LEU C 100 16.30 51.50 11.60
CA LEU C 100 16.11 51.35 10.14
C LEU C 100 17.19 52.05 9.30
N GLN C 101 17.83 53.09 9.86
CA GLN C 101 19.01 53.70 9.25
C GLN C 101 20.27 52.85 9.47
N HIS C 102 20.45 52.32 10.68
CA HIS C 102 21.58 51.43 11.01
C HIS C 102 21.57 50.16 10.17
N LEU C 103 20.44 49.47 10.17
CA LEU C 103 20.20 48.30 9.32
C LEU C 103 20.64 48.57 7.88
N GLN C 104 20.26 49.75 7.40
CA GLN C 104 20.54 50.18 6.03
C GLN C 104 22.03 50.44 5.76
N LYS C 105 22.75 50.96 6.74
CA LYS C 105 24.21 51.17 6.62
C LYS C 105 24.99 49.84 6.68
N VAL C 106 24.56 48.94 7.57
CA VAL C 106 25.18 47.61 7.72
C VAL C 106 24.92 46.72 6.49
N SER C 107 23.75 46.91 5.87
CA SER C 107 23.41 46.28 4.59
C SER C 107 24.40 46.57 3.44
N GLN C 108 25.02 47.76 3.47
CA GLN C 108 25.89 48.22 2.38
C GLN C 108 27.34 47.68 2.36
N GLU C 109 27.71 46.87 3.36
CA GLU C 109 28.94 46.04 3.30
C GLU C 109 28.76 44.69 3.99
N TYR C 120 23.38 47.70 18.01
CA TYR C 120 21.95 47.59 17.82
C TYR C 120 21.50 46.12 17.70
N GLY C 121 22.00 45.29 18.62
CA GLY C 121 21.65 43.87 18.68
C GLY C 121 22.08 43.02 17.50
N LEU C 122 23.18 43.38 16.84
CA LEU C 122 23.80 42.56 15.79
C LEU C 122 24.95 41.77 16.44
N GLY C 123 24.60 40.98 17.46
CA GLY C 123 25.59 40.26 18.28
C GLY C 123 25.94 38.90 17.70
N TYR C 124 25.88 37.87 18.53
CA TYR C 124 26.39 36.54 18.18
C TYR C 124 25.37 35.71 17.39
N ASP C 125 24.11 35.73 17.84
CA ASP C 125 23.01 35.00 17.18
C ASP C 125 22.61 35.61 15.82
N CYS C 126 22.75 36.92 15.68
CA CYS C 126 22.46 37.64 14.43
C CYS C 126 23.75 38.11 13.73
N PRO C 127 24.03 37.58 12.52
CA PRO C 127 25.09 38.17 11.67
C PRO C 127 24.75 39.59 11.16
N ALA C 128 25.63 40.15 10.34
CA ALA C 128 25.49 41.50 9.81
C ALA C 128 25.80 41.54 8.31
N THR C 129 25.27 40.56 7.58
CA THR C 129 25.63 40.35 6.17
C THR C 129 25.03 41.40 5.23
N GLU C 130 25.57 41.48 4.01
CA GLU C 130 25.17 42.49 3.03
C GLU C 130 23.75 42.29 2.51
N GLY C 131 23.15 43.38 2.03
CA GLY C 131 21.84 43.35 1.38
C GLY C 131 20.61 43.06 2.22
N ILE C 132 20.75 42.98 3.56
CA ILE C 132 19.63 42.57 4.43
C ILE C 132 18.56 43.64 4.67
N PHE C 133 18.81 44.88 4.26
CA PHE C 133 17.75 45.91 4.29
C PHE C 133 16.75 45.64 3.17
N ASP C 134 17.26 45.37 1.97
CA ASP C 134 16.41 45.01 0.83
C ASP C 134 15.61 43.73 1.12
N TYR C 135 16.23 42.77 1.82
CA TYR C 135 15.56 41.52 2.20
C TYR C 135 14.43 41.83 3.18
N ALA C 136 14.78 42.51 4.27
CA ALA C 136 13.82 42.91 5.30
C ALA C 136 12.63 43.67 4.73
N ALA C 137 12.93 44.70 3.93
CA ALA C 137 11.90 45.56 3.32
C ALA C 137 10.93 44.80 2.39
N ALA C 138 11.43 43.80 1.67
CA ALA C 138 10.58 42.97 0.80
C ALA C 138 9.71 42.02 1.61
N ILE C 139 10.32 41.41 2.63
CA ILE C 139 9.63 40.52 3.57
C ILE C 139 8.52 41.27 4.32
N GLY C 140 8.89 42.34 5.02
CA GLY C 140 7.94 43.21 5.71
C GLY C 140 6.78 43.68 4.83
N GLY C 141 7.12 44.09 3.61
CA GLY C 141 6.12 44.51 2.61
C GLY C 141 5.19 43.39 2.15
N ALA C 142 5.75 42.18 1.99
CA ALA C 142 4.95 41.00 1.62
C ALA C 142 3.90 40.66 2.68
N THR C 143 4.27 40.81 3.96
CA THR C 143 3.33 40.65 5.07
C THR C 143 2.27 41.78 5.10
N ILE C 144 2.69 43.01 4.81
CA ILE C 144 1.79 44.16 4.75
C ILE C 144 0.80 44.02 3.58
N THR C 145 1.29 43.54 2.44
CA THR C 145 0.44 43.24 1.28
C THR C 145 -0.63 42.19 1.60
N ALA C 146 -0.21 41.14 2.31
CA ALA C 146 -1.13 40.08 2.73
C ALA C 146 -2.24 40.65 3.60
N ALA C 147 -1.85 41.51 4.56
CA ALA C 147 -2.79 42.20 5.45
C ALA C 147 -3.68 43.19 4.69
N GLN C 148 -3.11 43.89 3.72
CA GLN C 148 -3.84 44.81 2.84
C GLN C 148 -4.93 44.08 2.05
N CYS C 149 -4.59 42.94 1.47
CA CYS C 149 -5.57 42.10 0.77
C CYS C 149 -6.72 41.69 1.70
N LEU C 150 -6.40 41.38 2.96
CA LEU C 150 -7.40 41.03 3.98
C LEU C 150 -8.35 42.19 4.35
N ILE C 151 -7.79 43.40 4.42
CA ILE C 151 -8.57 44.63 4.64
C ILE C 151 -9.57 44.80 3.50
N ASP C 152 -9.07 44.71 2.26
CA ASP C 152 -9.87 44.97 1.06
C ASP C 152 -11.02 43.97 0.81
N GLY C 153 -11.02 42.83 1.50
CA GLY C 153 -12.03 41.80 1.30
C GLY C 153 -11.75 40.91 0.10
N MET C 154 -10.52 40.98 -0.42
CA MET C 154 -10.07 40.18 -1.56
C MET C 154 -10.05 38.68 -1.22
N CYS C 155 -9.83 38.37 0.06
CA CYS C 155 -9.77 37.00 0.54
C CYS C 155 -10.04 36.94 2.05
N LYS C 156 -10.25 35.73 2.56
CA LYS C 156 -10.30 35.48 4.01
C LYS C 156 -8.97 34.96 4.56
N VAL C 157 -8.21 34.25 3.73
CA VAL C 157 -6.88 33.78 4.10
C VAL C 157 -5.87 34.37 3.13
N ALA C 158 -4.72 34.80 3.64
CA ALA C 158 -3.61 35.29 2.81
C ALA C 158 -2.29 34.73 3.35
N ILE C 159 -1.42 34.31 2.42
CA ILE C 159 -0.24 33.50 2.75
C ILE C 159 1.06 34.21 2.35
N ASN C 160 2.01 34.25 3.28
CA ASN C 160 3.38 34.71 3.02
C ASN C 160 4.33 33.81 3.80
N TRP C 161 4.77 32.72 3.17
CA TRP C 161 5.59 31.70 3.85
C TRP C 161 6.98 32.22 4.26
N SER C 162 7.51 33.20 3.54
CA SER C 162 8.85 33.72 3.84
C SER C 162 8.89 34.60 5.10
N GLY C 163 7.74 35.19 5.45
CA GLY C 163 7.61 35.98 6.66
C GLY C 163 7.46 35.10 7.90
N GLY C 164 7.12 35.73 9.02
CA GLY C 164 7.08 35.08 10.34
C GLY C 164 8.27 35.37 11.24
N TRP C 165 8.96 36.49 11.00
CA TRP C 165 10.16 36.86 11.77
C TRP C 165 9.78 37.42 13.15
N HIS C 166 9.30 36.54 14.01
CA HIS C 166 8.66 36.90 15.28
C HIS C 166 9.54 37.44 16.43
N HIS C 167 10.86 37.41 16.28
CA HIS C 167 11.78 37.77 17.36
C HIS C 167 12.23 39.24 17.40
N ALA C 168 12.16 39.93 16.26
CA ALA C 168 12.74 41.27 16.14
C ALA C 168 12.04 42.29 17.04
N LYS C 169 12.83 43.06 17.78
CA LYS C 169 12.34 44.14 18.65
C LYS C 169 12.35 45.46 17.88
N LYS C 170 11.78 46.48 18.50
CA LYS C 170 11.68 47.82 17.89
C LYS C 170 13.01 48.41 17.43
N ASP C 171 14.08 48.19 18.19
CA ASP C 171 15.34 48.91 17.97
C ASP C 171 16.56 48.00 17.81
N GLU C 172 16.32 46.70 17.61
CA GLU C 172 17.39 45.72 17.48
C GLU C 172 16.89 44.40 16.90
N ALA C 173 17.80 43.70 16.22
CA ALA C 173 17.54 42.34 15.77
C ALA C 173 17.54 41.38 16.97
N SER C 174 17.00 40.19 16.75
CA SER C 174 17.03 39.12 17.73
C SER C 174 16.72 37.80 17.01
N GLY C 175 17.57 36.78 17.23
CA GLY C 175 17.37 35.44 16.69
C GLY C 175 17.08 35.40 15.20
N PHE C 176 18.06 35.83 14.40
CA PHE C 176 17.98 35.78 12.93
C PHE C 176 16.86 36.69 12.31
N CYS C 177 16.16 37.47 13.15
CA CYS C 177 15.05 38.34 12.71
C CYS C 177 15.46 39.81 12.78
N TYR C 178 15.67 40.43 11.62
CA TYR C 178 16.07 41.84 11.53
C TYR C 178 14.88 42.82 11.45
N LEU C 179 13.67 42.30 11.28
CA LEU C 179 12.50 43.13 11.06
C LEU C 179 11.23 42.33 11.37
N ASN C 180 10.49 42.74 12.40
CA ASN C 180 9.29 42.03 12.83
C ASN C 180 8.13 42.32 11.89
N ASP C 181 8.04 41.52 10.83
CA ASP C 181 6.98 41.65 9.84
C ASP C 181 5.61 41.32 10.42
N ALA C 182 5.55 40.35 11.34
CA ALA C 182 4.29 39.92 11.95
C ALA C 182 3.59 41.06 12.67
N VAL C 183 4.38 41.85 13.41
CA VAL C 183 3.89 43.08 14.04
C VAL C 183 3.41 44.07 12.97
N LEU C 184 4.21 44.28 11.93
CA LEU C 184 3.85 45.20 10.85
C LEU C 184 2.55 44.80 10.13
N GLY C 185 2.33 43.50 9.98
CA GLY C 185 1.09 42.98 9.40
C GLY C 185 -0.12 43.25 10.27
N ILE C 186 0.05 43.03 11.57
CA ILE C 186 -0.99 43.29 12.57
C ILE C 186 -1.43 44.75 12.58
N LEU C 187 -0.47 45.66 12.61
CA LEU C 187 -0.76 47.11 12.60
C LEU C 187 -1.55 47.55 11.36
N ARG C 188 -1.29 46.92 10.21
CA ARG C 188 -2.07 47.19 9.00
C ARG C 188 -3.49 46.64 9.10
N LEU C 189 -3.64 45.47 9.72
CA LEU C 189 -4.96 44.89 9.97
C LEU C 189 -5.79 45.75 10.95
N ARG C 190 -5.12 46.43 11.87
CA ARG C 190 -5.76 47.34 12.83
C ARG C 190 -6.44 48.57 12.20
N ARG C 191 -6.13 48.87 10.92
CA ARG C 191 -6.89 49.87 10.18
C ARG C 191 -8.39 49.53 10.13
N LYS C 192 -8.70 48.25 9.95
CA LYS C 192 -10.08 47.74 9.90
C LYS C 192 -10.48 47.06 11.22
N PHE C 193 -9.76 46.00 11.56
CA PHE C 193 -10.16 45.06 12.60
C PHE C 193 -9.70 45.55 13.98
N GLU C 194 -10.66 45.77 14.88
CA GLU C 194 -10.38 46.36 16.21
C GLU C 194 -9.49 45.46 17.08
N ARG C 195 -9.90 44.21 17.24
CA ARG C 195 -9.13 43.22 18.02
C ARG C 195 -8.55 42.12 17.13
N ILE C 196 -7.30 41.75 17.40
CA ILE C 196 -6.53 40.82 16.56
C ILE C 196 -5.86 39.74 17.41
N LEU C 197 -6.02 38.48 16.99
CA LEU C 197 -5.41 37.33 17.65
C LEU C 197 -4.14 36.89 16.91
N TYR C 198 -3.06 36.71 17.65
CA TYR C 198 -1.80 36.21 17.08
C TYR C 198 -1.47 34.85 17.70
N VAL C 199 -1.63 33.78 16.91
CA VAL C 199 -1.24 32.43 17.32
C VAL C 199 0.10 32.10 16.67
N ASP C 200 1.06 31.68 17.48
CA ASP C 200 2.44 31.48 17.05
C ASP C 200 2.85 30.04 17.40
N LEU C 201 2.85 29.15 16.40
CA LEU C 201 3.11 27.71 16.59
C LEU C 201 4.55 27.25 16.27
N ASP C 202 5.46 28.20 15.96
CA ASP C 202 6.93 27.97 15.93
C ASP C 202 7.39 27.27 17.20
N LEU C 203 8.53 26.61 17.14
CA LEU C 203 9.15 26.01 18.31
C LEU C 203 9.49 27.07 19.37
N HIS C 204 10.00 28.22 18.91
CA HIS C 204 10.47 29.31 19.78
C HIS C 204 9.35 30.24 20.25
N HIS C 205 9.53 30.85 21.42
CA HIS C 205 8.58 31.84 21.97
C HIS C 205 8.50 33.10 21.12
N GLY C 206 7.28 33.51 20.77
CA GLY C 206 7.06 34.68 19.92
C GLY C 206 7.16 35.95 20.73
N ASP C 207 8.39 36.31 21.11
CA ASP C 207 8.65 37.39 22.09
C ASP C 207 8.56 38.79 21.48
N GLY C 208 9.16 38.99 20.30
CA GLY C 208 9.10 40.27 19.61
C GLY C 208 7.67 40.75 19.40
N VAL C 209 6.80 39.83 19.01
CA VAL C 209 5.39 40.13 18.76
C VAL C 209 4.65 40.36 20.09
N GLU C 210 4.93 39.50 21.07
CA GLU C 210 4.37 39.64 22.43
C GLU C 210 4.68 41.01 23.02
N ASP C 211 5.97 41.34 23.05
CA ASP C 211 6.46 42.58 23.62
C ASP C 211 5.95 43.83 22.90
N ALA C 212 5.72 43.73 21.59
CA ALA C 212 5.16 44.82 20.80
C ALA C 212 3.74 45.18 21.23
N PHE C 213 2.98 44.19 21.68
CA PHE C 213 1.61 44.41 22.13
C PHE C 213 1.40 44.00 23.59
N SER C 214 2.48 43.93 24.38
CA SER C 214 2.41 43.46 25.77
C SER C 214 1.55 44.34 26.69
N PHE C 215 1.44 45.64 26.36
CA PHE C 215 0.71 46.62 27.17
C PHE C 215 -0.70 46.99 26.68
N THR C 216 -1.21 46.27 25.67
CA THR C 216 -2.52 46.57 25.07
C THR C 216 -3.41 45.34 25.10
N SER C 217 -4.73 45.57 25.06
CA SER C 217 -5.75 44.52 24.99
C SER C 217 -6.38 44.41 23.60
N LYS C 218 -5.88 45.20 22.64
CA LYS C 218 -6.36 45.19 21.26
C LYS C 218 -5.74 44.08 20.42
N VAL C 219 -4.65 43.50 20.92
CA VAL C 219 -3.99 42.39 20.26
C VAL C 219 -3.69 41.32 21.31
N MET C 220 -4.28 40.13 21.14
CA MET C 220 -3.97 38.97 21.98
C MET C 220 -2.93 38.08 21.32
N THR C 221 -1.85 37.78 22.04
CA THR C 221 -0.79 36.90 21.56
C THR C 221 -0.87 35.55 22.30
N VAL C 222 -0.96 34.46 21.52
CA VAL C 222 -0.96 33.09 22.03
C VAL C 222 0.27 32.38 21.47
N SER C 223 1.08 31.77 22.35
CA SER C 223 2.35 31.15 21.96
C SER C 223 2.57 29.80 22.64
N LEU C 224 2.66 28.74 21.83
CA LEU C 224 3.07 27.40 22.28
C LEU C 224 4.55 27.17 21.88
N HIS C 225 5.41 26.86 22.84
CA HIS C 225 6.87 26.79 22.57
C HIS C 225 7.63 25.89 23.52
N LYS C 226 8.86 25.60 23.12
CA LYS C 226 9.86 25.02 24.02
C LYS C 226 10.21 26.08 25.07
N PHE C 227 10.12 25.70 26.35
CA PHE C 227 10.58 26.53 27.47
C PHE C 227 11.36 25.66 28.45
N SER C 228 12.67 25.87 28.49
CA SER C 228 13.55 25.22 29.47
C SER C 228 14.90 25.95 29.58
N PRO C 229 15.57 25.86 30.76
CA PRO C 229 16.84 26.56 31.03
C PRO C 229 17.85 26.58 29.88
N GLY C 230 18.09 27.76 29.31
CA GLY C 230 19.10 27.93 28.25
C GLY C 230 18.59 27.95 26.82
N PHE C 231 17.34 27.55 26.59
CA PHE C 231 16.76 27.59 25.23
C PHE C 231 16.24 28.99 24.91
N PHE C 232 16.51 29.41 23.67
CA PHE C 232 16.18 30.76 23.19
C PHE C 232 14.67 30.93 23.03
N PRO C 233 14.11 32.12 23.28
CA PRO C 233 14.81 33.30 23.81
C PRO C 233 15.02 33.32 25.33
N GLY C 234 14.51 32.32 26.05
CA GLY C 234 14.52 32.30 27.51
C GLY C 234 13.16 32.67 28.08
N THR C 235 12.39 33.48 27.33
CA THR C 235 11.13 34.04 27.81
C THR C 235 9.95 33.13 27.46
N GLY C 236 8.78 33.49 27.98
CA GLY C 236 7.53 32.78 27.68
C GLY C 236 7.14 31.67 28.63
N ASP C 237 7.26 31.89 29.95
CA ASP C 237 6.70 30.95 30.94
C ASP C 237 5.19 31.21 31.02
N VAL C 238 4.45 30.27 31.59
CA VAL C 238 2.98 30.42 31.73
C VAL C 238 2.59 31.62 32.60
N SER C 239 3.46 31.98 33.56
CA SER C 239 3.28 33.18 34.38
C SER C 239 3.32 34.49 33.59
N ASP C 240 3.96 34.48 32.41
CA ASP C 240 3.89 35.59 31.45
C ASP C 240 2.44 35.74 30.99
N VAL C 241 1.81 36.81 31.48
CA VAL C 241 0.41 37.14 31.16
C VAL C 241 0.19 38.54 30.56
N GLY C 242 1.23 39.37 30.52
CA GLY C 242 1.15 40.74 29.99
C GLY C 242 1.11 41.77 31.09
N LEU C 243 1.46 43.00 30.72
CA LEU C 243 1.60 44.12 31.66
C LEU C 243 0.58 45.22 31.38
N GLY C 244 0.22 45.96 32.42
CA GLY C 244 -0.68 47.11 32.31
C GLY C 244 -2.08 46.74 31.86
N LYS C 245 -2.58 47.46 30.85
CA LYS C 245 -3.91 47.19 30.29
C LYS C 245 -3.98 45.90 29.46
N GLY C 246 -2.82 45.39 29.02
CA GLY C 246 -2.72 44.08 28.39
C GLY C 246 -2.43 42.91 29.33
N ARG C 247 -2.80 43.03 30.60
CA ARG C 247 -2.73 41.92 31.57
C ARG C 247 -3.79 40.88 31.25
N TYR C 248 -3.37 39.62 31.23
CA TYR C 248 -4.18 38.46 30.83
C TYR C 248 -4.53 38.40 29.33
N TYR C 249 -3.97 39.29 28.52
CA TYR C 249 -4.17 39.27 27.07
C TYR C 249 -2.88 38.80 26.35
N SER C 250 -1.93 38.23 27.09
CA SER C 250 -0.82 37.46 26.53
C SER C 250 -0.93 36.03 27.07
N VAL C 251 -0.95 35.05 26.17
CA VAL C 251 -1.02 33.64 26.53
C VAL C 251 0.30 32.96 26.17
N ASN C 252 0.82 32.16 27.09
CA ASN C 252 2.07 31.42 26.89
C ASN C 252 1.92 29.99 27.45
N VAL C 253 2.06 29.00 26.57
CA VAL C 253 1.98 27.58 26.93
C VAL C 253 3.38 26.96 26.81
N PRO C 254 4.10 26.80 27.93
CA PRO C 254 5.45 26.22 27.86
C PRO C 254 5.40 24.70 27.75
N ILE C 255 6.02 24.16 26.69
CA ILE C 255 6.00 22.73 26.39
C ILE C 255 7.44 22.20 26.36
N GLN C 256 7.63 20.98 26.86
CA GLN C 256 8.95 20.31 26.88
C GLN C 256 9.16 19.39 25.66
N ASP C 257 10.37 18.86 25.52
CA ASP C 257 10.74 18.01 24.36
C ASP C 257 9.82 16.79 24.10
N GLY C 258 9.76 16.38 22.83
CA GLY C 258 9.14 15.10 22.43
C GLY C 258 7.64 15.06 22.18
N ILE C 259 6.98 16.21 22.24
CA ILE C 259 5.53 16.28 21.99
C ILE C 259 5.23 15.94 20.53
N GLN C 260 4.08 15.29 20.31
CA GLN C 260 3.64 14.93 18.96
C GLN C 260 2.17 15.28 18.71
N ASP C 261 1.79 15.20 17.43
CA ASP C 261 0.49 15.66 16.88
C ASP C 261 -0.73 15.64 17.81
N GLU C 262 -1.10 14.45 18.28
CA GLU C 262 -2.34 14.26 19.02
C GLU C 262 -2.35 15.03 20.33
N LYS C 263 -1.24 14.98 21.06
CA LYS C 263 -1.10 15.68 22.34
C LYS C 263 -1.07 17.19 22.16
N TYR C 264 -0.27 17.64 21.19
CA TYR C 264 -0.17 19.05 20.81
C TYR C 264 -1.53 19.67 20.47
N TYR C 265 -2.33 18.96 19.67
CA TYR C 265 -3.67 19.45 19.29
C TYR C 265 -4.64 19.52 20.48
N GLN C 266 -4.57 18.54 21.38
CA GLN C 266 -5.35 18.59 22.62
C GLN C 266 -5.01 19.83 23.45
N ILE C 267 -3.72 20.20 23.49
CA ILE C 267 -3.28 21.44 24.14
C ILE C 267 -3.76 22.66 23.35
N CYS C 268 -3.55 22.63 22.04
CA CYS C 268 -3.81 23.79 21.19
C CYS C 268 -5.29 24.13 21.13
N GLU C 269 -6.12 23.15 20.76
CA GLU C 269 -7.57 23.37 20.60
C GLU C 269 -8.24 23.74 21.93
N SER C 270 -7.71 23.24 23.04
CA SER C 270 -8.20 23.58 24.36
C SER C 270 -7.91 25.04 24.71
N VAL C 271 -6.70 25.51 24.42
CA VAL C 271 -6.32 26.92 24.63
C VAL C 271 -7.10 27.85 23.69
N LEU C 272 -7.16 27.50 22.41
CA LEU C 272 -7.83 28.31 21.39
C LEU C 272 -9.36 28.41 21.56
N LYS C 273 -9.98 27.42 22.21
CA LYS C 273 -11.40 27.50 22.55
C LYS C 273 -11.64 28.58 23.60
N GLU C 274 -10.80 28.56 24.63
CA GLU C 274 -10.84 29.56 25.71
C GLU C 274 -10.54 30.96 25.19
N VAL C 275 -9.56 31.07 24.29
CA VAL C 275 -9.19 32.34 23.66
C VAL C 275 -10.32 32.89 22.79
N TYR C 276 -10.88 32.05 21.93
CA TYR C 276 -11.94 32.48 21.01
C TYR C 276 -13.14 33.08 21.75
N GLN C 277 -13.70 32.31 22.70
CA GLN C 277 -14.90 32.74 23.45
C GLN C 277 -14.69 34.00 24.29
N ALA C 278 -13.54 34.08 24.94
CA ALA C 278 -13.19 35.21 25.80
C ALA C 278 -12.82 36.46 25.02
N PHE C 279 -11.90 36.31 24.07
CA PHE C 279 -11.34 37.45 23.33
C PHE C 279 -12.21 37.89 22.14
N ASN C 280 -12.81 36.91 21.45
CA ASN C 280 -13.71 37.17 20.32
C ASN C 280 -13.03 38.01 19.21
N PRO C 281 -11.91 37.51 18.66
CA PRO C 281 -11.12 38.28 17.70
C PRO C 281 -11.84 38.52 16.38
N LYS C 282 -11.54 39.65 15.75
CA LYS C 282 -12.05 40.00 14.42
C LYS C 282 -11.11 39.59 13.28
N ALA C 283 -9.81 39.50 13.57
CA ALA C 283 -8.81 38.97 12.63
C ALA C 283 -7.74 38.17 13.35
N VAL C 284 -7.04 37.32 12.60
CA VAL C 284 -6.03 36.40 13.15
C VAL C 284 -4.76 36.45 12.30
N VAL C 285 -3.60 36.41 12.95
CA VAL C 285 -2.30 36.28 12.24
C VAL C 285 -1.58 35.04 12.77
N LEU C 286 -1.29 34.08 11.89
CA LEU C 286 -0.88 32.73 12.27
C LEU C 286 0.56 32.43 11.84
N GLN C 287 1.44 32.22 12.81
CA GLN C 287 2.85 31.94 12.56
C GLN C 287 3.08 30.43 12.68
N LEU C 288 3.54 29.80 11.59
CA LEU C 288 3.60 28.33 11.49
C LEU C 288 5.02 27.81 11.19
N GLY C 289 5.99 28.37 11.92
CA GLY C 289 7.37 27.93 11.85
C GLY C 289 7.48 26.42 11.99
N ALA C 290 8.17 25.80 11.05
CA ALA C 290 8.26 24.35 10.95
C ALA C 290 9.49 23.76 11.64
N ASP C 291 10.08 24.48 12.59
CA ASP C 291 11.14 23.94 13.45
C ASP C 291 10.62 23.04 14.60
N THR C 292 9.29 22.91 14.69
CA THR C 292 8.66 21.94 15.57
C THR C 292 8.65 20.52 15.00
N ILE C 293 8.92 20.38 13.70
CA ILE C 293 8.69 19.12 13.00
C ILE C 293 9.83 18.15 13.29
N ALA C 294 9.52 16.85 13.25
CA ALA C 294 10.52 15.79 13.45
C ALA C 294 11.66 15.87 12.42
N GLY C 295 12.88 15.63 12.90
CA GLY C 295 14.09 15.72 12.08
C GLY C 295 14.65 17.10 11.84
N ASP C 296 14.17 18.12 12.55
CA ASP C 296 14.75 19.46 12.45
C ASP C 296 16.03 19.46 13.27
N PRO C 297 17.06 20.22 12.84
CA PRO C 297 18.27 20.40 13.64
C PRO C 297 18.02 20.70 15.13
N MET C 298 16.97 21.48 15.41
CA MET C 298 16.55 21.81 16.78
C MET C 298 16.32 20.57 17.64
N CYS C 299 15.70 19.55 17.06
CA CYS C 299 15.56 18.24 17.70
C CYS C 299 14.82 18.27 19.06
N SER C 300 13.82 19.14 19.16
CA SER C 300 13.08 19.38 20.40
C SER C 300 11.69 18.74 20.40
N PHE C 301 10.85 19.16 19.45
CA PHE C 301 9.47 18.68 19.32
C PHE C 301 9.44 17.55 18.30
N ASN C 302 8.39 16.74 18.35
CA ASN C 302 8.28 15.54 17.52
C ASN C 302 6.98 15.56 16.70
N MET C 303 6.77 16.67 16.00
CA MET C 303 5.51 16.91 15.29
C MET C 303 5.61 16.44 13.85
N THR C 304 4.45 16.29 13.21
CA THR C 304 4.37 16.13 11.76
C THR C 304 3.47 17.25 11.24
N PRO C 305 3.53 17.54 9.93
CA PRO C 305 2.63 18.52 9.29
C PRO C 305 1.15 18.30 9.58
N VAL C 306 0.74 17.03 9.69
CA VAL C 306 -0.66 16.64 9.99
C VAL C 306 -1.15 17.22 11.31
N GLY C 307 -0.28 17.25 12.32
CA GLY C 307 -0.61 17.88 13.61
C GLY C 307 -0.81 19.39 13.53
N ILE C 308 0.02 20.06 12.74
CA ILE C 308 -0.11 21.51 12.52
C ILE C 308 -1.35 21.79 11.70
N GLY C 309 -1.67 20.89 10.77
CA GLY C 309 -2.88 20.97 9.97
C GLY C 309 -4.13 21.08 10.83
N LYS C 310 -4.25 20.18 11.81
CA LYS C 310 -5.43 20.18 12.68
C LYS C 310 -5.59 21.52 13.40
N CYS C 311 -4.48 22.05 13.93
CA CYS C 311 -4.47 23.38 14.56
C CYS C 311 -4.87 24.47 13.57
N LEU C 312 -4.28 24.41 12.37
CA LEU C 312 -4.62 25.30 11.25
C LEU C 312 -6.11 25.27 10.90
N LYS C 313 -6.63 24.07 10.63
CA LYS C 313 -8.07 23.84 10.37
C LYS C 313 -8.97 24.43 11.45
N TYR C 314 -8.62 24.21 12.72
CA TYR C 314 -9.42 24.72 13.84
C TYR C 314 -9.49 26.26 13.89
N ILE C 315 -8.42 26.94 13.48
CA ILE C 315 -8.44 28.40 13.34
C ILE C 315 -9.28 28.81 12.12
N LEU C 316 -9.08 28.12 11.00
CA LEU C 316 -9.82 28.38 9.76
C LEU C 316 -11.34 28.29 9.89
N GLN C 317 -11.82 27.40 10.77
CA GLN C 317 -13.28 27.23 11.01
C GLN C 317 -13.98 28.55 11.38
N TRP C 318 -13.26 29.43 12.07
CA TRP C 318 -13.80 30.73 12.50
C TRP C 318 -14.17 31.67 11.33
N GLN C 319 -13.68 31.40 10.12
CA GLN C 319 -13.92 32.20 8.90
C GLN C 319 -13.56 33.70 9.03
N LEU C 320 -12.61 34.00 9.92
CA LEU C 320 -12.10 35.36 10.11
C LEU C 320 -10.96 35.62 9.12
N ALA C 321 -10.63 36.89 8.94
CA ALA C 321 -9.46 37.27 8.14
C ALA C 321 -8.21 36.66 8.76
N THR C 322 -7.47 35.89 7.98
CA THR C 322 -6.38 35.05 8.50
C THR C 322 -5.10 35.25 7.68
N LEU C 323 -4.05 35.71 8.34
CA LEU C 323 -2.76 35.99 7.71
C LEU C 323 -1.81 34.87 8.09
N ILE C 324 -1.46 34.03 7.10
CA ILE C 324 -0.59 32.86 7.30
C ILE C 324 0.87 33.25 7.07
N LEU C 325 1.69 33.08 8.11
CA LEU C 325 3.13 33.30 8.03
C LEU C 325 3.92 32.01 8.28
N GLY C 326 5.14 31.96 7.74
CA GLY C 326 6.07 30.87 8.00
C GLY C 326 6.85 31.16 9.27
N GLY C 327 8.18 31.21 9.17
CA GLY C 327 9.04 31.45 10.33
C GLY C 327 10.25 30.54 10.29
N GLY C 328 10.60 29.97 11.44
CA GLY C 328 11.70 29.00 11.52
C GLY C 328 11.38 27.73 10.75
N GLY C 329 12.43 26.97 10.43
CA GLY C 329 12.29 25.73 9.64
C GLY C 329 13.61 25.42 9.00
N TYR C 330 14.31 24.42 9.54
CA TYR C 330 15.74 24.23 9.27
C TYR C 330 16.16 22.92 8.58
N ASN C 331 15.39 21.86 8.75
CA ASN C 331 15.38 20.77 7.78
C ASN C 331 14.60 21.33 6.59
N LEU C 332 15.32 21.68 5.53
CA LEU C 332 14.76 22.51 4.44
C LEU C 332 13.71 21.79 3.61
N ALA C 333 13.98 20.54 3.27
CA ALA C 333 13.00 19.70 2.56
C ALA C 333 11.75 19.48 3.40
N ASN C 334 11.92 19.17 4.69
CA ASN C 334 10.79 18.99 5.61
C ASN C 334 9.93 20.26 5.77
N THR C 335 10.58 21.43 5.78
CA THR C 335 9.89 22.71 5.91
C THR C 335 9.02 22.99 4.68
N ALA C 336 9.58 22.82 3.49
CA ALA C 336 8.80 22.84 2.24
C ALA C 336 7.75 21.73 2.23
N ARG C 337 8.13 20.55 2.72
CA ARG C 337 7.20 19.42 2.85
C ARG C 337 5.98 19.80 3.71
N CYS C 338 6.25 20.51 4.82
CA CYS C 338 5.21 20.94 5.78
C CYS C 338 4.32 22.05 5.23
N TRP C 339 4.93 23.14 4.76
CA TRP C 339 4.16 24.31 4.32
C TRP C 339 3.41 24.07 3.02
N THR C 340 3.91 23.18 2.16
CA THR C 340 3.14 22.70 1.02
C THR C 340 1.93 21.90 1.48
N TYR C 341 2.12 21.03 2.47
CA TYR C 341 1.01 20.27 3.03
C TYR C 341 -0.04 21.20 3.63
N LEU C 342 0.41 22.15 4.46
CA LEU C 342 -0.48 23.14 5.04
C LEU C 342 -1.15 24.06 4.00
N THR C 343 -0.47 24.35 2.90
CA THR C 343 -1.10 25.07 1.78
C THR C 343 -2.27 24.24 1.21
N GLY C 344 -2.06 22.93 1.13
CA GLY C 344 -3.11 21.98 0.78
C GLY C 344 -4.33 22.03 1.67
N VAL C 345 -4.13 22.05 2.99
CA VAL C 345 -5.26 22.03 3.93
C VAL C 345 -6.00 23.37 4.00
N ILE C 346 -5.31 24.47 3.65
CA ILE C 346 -5.97 25.76 3.40
C ILE C 346 -6.91 25.62 2.20
N LEU C 347 -6.40 25.07 1.10
CA LEU C 347 -7.20 24.87 -0.12
C LEU C 347 -8.32 23.84 -0.01
N GLY C 348 -8.25 22.95 0.98
CA GLY C 348 -9.23 21.87 1.14
C GLY C 348 -8.90 20.59 0.39
N LYS C 349 -7.82 20.62 -0.42
CA LYS C 349 -7.37 19.47 -1.21
C LYS C 349 -6.37 18.63 -0.42
N THR C 350 -6.48 17.30 -0.52
CA THR C 350 -5.49 16.38 0.06
C THR C 350 -4.53 15.94 -1.04
N LEU C 351 -3.23 16.09 -0.78
CA LEU C 351 -2.19 15.97 -1.81
C LEU C 351 -1.65 14.55 -1.91
N SER C 352 -1.13 14.17 -3.08
CA SER C 352 -0.60 12.82 -3.28
C SER C 352 0.68 12.59 -2.46
N SER C 353 0.90 11.34 -2.08
CA SER C 353 2.01 10.95 -1.21
C SER C 353 3.35 10.96 -1.94
N GLU C 354 3.37 10.58 -3.21
CA GLU C 354 4.61 10.65 -4.01
C GLU C 354 4.95 12.12 -4.35
N ILE C 355 6.21 12.51 -4.15
CA ILE C 355 6.67 13.86 -4.47
C ILE C 355 6.77 14.00 -5.99
N PRO C 356 6.17 15.08 -6.57
CA PRO C 356 6.31 15.26 -8.01
C PRO C 356 7.71 15.76 -8.38
N ASP C 357 8.03 15.65 -9.66
CA ASP C 357 9.31 16.11 -10.18
C ASP C 357 9.33 17.63 -10.22
N HIS C 358 10.47 18.21 -9.86
CA HIS C 358 10.70 19.66 -9.91
C HIS C 358 12.21 19.91 -9.75
N GLU C 359 12.63 21.18 -9.71
CA GLU C 359 14.06 21.54 -9.57
C GLU C 359 14.76 20.79 -8.42
N PHE C 360 14.17 20.84 -7.23
CA PHE C 360 14.80 20.29 -6.00
C PHE C 360 14.35 18.87 -5.61
N PHE C 361 13.93 18.06 -6.59
CA PHE C 361 13.53 16.66 -6.34
C PHE C 361 14.56 15.89 -5.51
N THR C 362 15.84 16.04 -5.87
CA THR C 362 16.97 15.33 -5.23
C THR C 362 17.06 15.49 -3.70
N ALA C 363 16.60 16.61 -3.16
CA ALA C 363 16.64 16.86 -1.72
C ALA C 363 15.57 16.10 -0.91
N TYR C 364 14.57 15.53 -1.58
CA TYR C 364 13.50 14.79 -0.89
C TYR C 364 13.77 13.28 -0.78
N GLY C 365 15.03 12.87 -0.94
CA GLY C 365 15.42 11.48 -0.78
C GLY C 365 15.64 11.11 0.68
N PRO C 366 15.83 9.83 0.98
CA PRO C 366 15.82 8.74 -0.01
C PRO C 366 14.42 8.21 -0.40
N ASP C 367 13.36 8.62 0.32
CA ASP C 367 12.00 8.06 0.15
C ASP C 367 11.09 8.82 -0.82
N TYR C 368 11.33 10.12 -1.03
CA TYR C 368 10.57 10.93 -1.99
C TYR C 368 9.06 10.95 -1.71
N VAL C 369 8.70 11.25 -0.47
CA VAL C 369 7.29 11.37 -0.06
C VAL C 369 7.02 12.60 0.82
N LEU C 370 5.76 13.02 0.83
CA LEU C 370 5.30 14.20 1.54
C LEU C 370 5.16 13.95 3.05
N GLU C 371 4.90 12.70 3.45
CA GLU C 371 4.64 12.41 4.87
C GLU C 371 5.95 12.47 5.63
N ILE C 372 5.90 13.01 6.85
CA ILE C 372 7.06 13.05 7.74
C ILE C 372 6.82 12.03 8.84
N THR C 373 7.88 11.28 9.17
CA THR C 373 7.78 10.20 10.14
C THR C 373 8.31 10.68 11.49
N PRO C 374 7.50 10.58 12.57
CA PRO C 374 8.00 11.05 13.87
C PRO C 374 9.19 10.23 14.34
N SER C 375 10.08 10.86 15.13
CA SER C 375 11.21 10.16 15.73
C SER C 375 10.73 9.22 16.83
N CYS C 376 11.56 8.24 17.14
CA CYS C 376 11.36 7.42 18.34
C CYS C 376 12.15 8.05 19.48
N ARG C 377 11.59 9.14 20.00
CA ARG C 377 12.13 9.87 21.13
C ARG C 377 11.05 9.87 22.21
N PRO C 378 11.45 10.05 23.48
CA PRO C 378 10.47 10.08 24.56
C PRO C 378 9.76 11.44 24.66
N ASP C 379 8.46 11.40 24.96
CA ASP C 379 7.68 12.60 25.27
C ASP C 379 7.84 12.87 26.75
N ARG C 380 8.35 14.04 27.10
CA ARG C 380 8.60 14.40 28.51
C ARG C 380 7.73 15.58 28.95
N ASN C 381 6.46 15.52 28.55
CA ASN C 381 5.41 16.43 29.00
C ASN C 381 4.40 15.58 29.76
N GLU C 382 4.55 15.50 31.08
CA GLU C 382 3.63 14.71 31.91
C GLU C 382 2.26 15.40 32.01
N PRO C 383 1.15 14.64 31.85
CA PRO C 383 -0.20 15.24 31.78
C PRO C 383 -0.64 16.07 33.00
N HIS C 384 -0.02 15.86 34.17
CA HIS C 384 -0.27 16.70 35.35
C HIS C 384 0.23 18.14 35.15
N ARG C 385 1.47 18.28 34.68
CA ARG C 385 2.05 19.61 34.41
C ARG C 385 1.32 20.35 33.28
N ILE C 386 0.91 19.61 32.26
CA ILE C 386 0.14 20.16 31.14
C ILE C 386 -1.23 20.62 31.64
N GLN C 387 -1.91 19.78 32.41
CA GLN C 387 -3.22 20.14 32.99
C GLN C 387 -3.11 21.26 34.04
N GLN C 388 -1.95 21.37 34.69
CA GLN C 388 -1.63 22.51 35.55
C GLN C 388 -1.54 23.79 34.71
N ILE C 389 -0.85 23.71 33.57
CA ILE C 389 -0.75 24.82 32.61
C ILE C 389 -2.12 25.18 31.99
N LEU C 390 -2.87 24.17 31.54
CA LEU C 390 -4.20 24.38 30.90
C LEU C 390 -5.23 25.05 31.81
N ASN C 391 -5.24 24.70 33.09
CA ASN C 391 -6.14 25.31 34.08
C ASN C 391 -5.71 26.72 34.46
N TYR C 392 -4.40 26.93 34.59
CA TYR C 392 -3.84 28.26 34.87
C TYR C 392 -4.26 29.28 33.81
N ILE C 393 -4.20 28.87 32.54
CA ILE C 393 -4.60 29.71 31.40
C ILE C 393 -6.13 29.88 31.31
N LYS C 394 -6.89 28.82 31.63
CA LYS C 394 -8.35 28.90 31.74
C LYS C 394 -8.76 30.03 32.69
N GLY C 395 -8.11 30.08 33.85
CA GLY C 395 -8.34 31.12 34.86
C GLY C 395 -7.86 32.50 34.49
N ASN C 396 -6.78 32.59 33.70
CA ASN C 396 -6.30 33.88 33.17
C ASN C 396 -7.34 34.51 32.23
N LEU C 397 -7.93 33.70 31.36
CA LEU C 397 -8.94 34.18 30.40
C LEU C 397 -10.34 34.39 30.98
N LYS C 398 -10.58 33.89 32.20
CA LYS C 398 -11.81 34.20 32.94
C LYS C 398 -11.91 35.70 33.31
N HIS C 399 -10.76 36.37 33.46
CA HIS C 399 -10.71 37.82 33.69
C HIS C 399 -10.62 38.62 32.36
N VAL C 400 -11.38 38.21 31.35
CA VAL C 400 -11.36 38.84 30.02
C VAL C 400 -12.77 38.86 29.43
OAK C7 D . 22.94 -13.31 8.20
CAI C7 D . 22.65 -13.15 7.03
NAJ C7 D . 21.39 -13.07 6.67
OAL C7 D . 20.40 -13.17 7.65
CAH C7 D . 23.62 -13.04 5.84
CAG C7 D . 25.12 -13.13 6.12
CAE C7 D . 26.10 -11.99 5.94
CAD C7 D . 25.64 -10.72 5.54
CAC C7 D . 26.51 -9.65 5.38
CAB C7 D . 27.86 -9.82 5.63
CAA C7 D . 28.34 -11.06 6.02
CAF C7 D . 27.48 -12.17 6.18
NAM C7 D . 27.96 -13.42 6.58
CAN C7 D . 29.23 -13.78 6.86
OAP C7 D . 30.17 -13.01 6.80
CAO C7 D . 29.58 -15.19 7.28
CAQ C7 D . 30.93 -15.51 7.56
CAU C7 D . 28.62 -16.21 7.40
CAT C7 D . 29.02 -17.49 7.79
CAS C7 D . 30.34 -17.79 8.06
CAR C7 D . 31.31 -16.80 7.94
CAV C7 D . 32.75 -17.17 8.24
FAW C7 D . 33.07 -18.27 7.60
FAX C7 D . 32.85 -17.37 9.55
FAY C7 D . 33.59 -16.21 7.89
ZN ZN E . 21.33 -13.21 9.40
K K F . 4.49 -3.55 3.75
K K G . 15.06 -10.06 11.42
OAK C7 H . -10.76 -18.07 -15.81
CAI C7 H . -10.70 -16.86 -15.63
NAJ C7 H . -11.79 -16.12 -15.71
OAL C7 H . -12.98 -16.77 -16.00
CAH C7 H . -9.44 -16.08 -15.31
CAG C7 H . -8.10 -16.81 -15.30
CAE C7 H . -7.21 -16.96 -14.11
CAD C7 H . -7.59 -16.44 -12.86
CAC C7 H . -6.79 -16.58 -11.73
CAB C7 H . -5.58 -17.24 -11.82
CAA C7 H . -5.18 -17.76 -13.04
CAF C7 H . -5.97 -17.65 -14.21
NAM C7 H . -5.57 -18.16 -15.43
CAN C7 H . -4.44 -18.84 -15.74
OAP C7 H . -3.58 -19.10 -14.92
CAO C7 H . -4.16 -19.36 -17.14
CAQ C7 H . -2.96 -20.05 -17.39
CAU C7 H . -5.04 -19.15 -18.20
CAT C7 H . -4.72 -19.65 -19.48
CAS C7 H . -3.54 -20.34 -19.71
CAR C7 H . -2.64 -20.55 -18.67
CAV C7 H . -1.35 -21.30 -18.92
FAW C7 H . -0.95 -21.92 -17.82
FAX C7 H . -0.43 -20.44 -19.32
FAY C7 H . -1.55 -22.23 -19.84
ZN ZN I . -12.67 -18.74 -15.85
K K J . -27.14 -9.41 -5.26
K K K . -19.30 -19.25 -12.98
OAK C7 L . 13.77 29.51 15.22
CAI C7 L . 13.93 30.71 15.11
NAJ C7 L . 12.86 31.51 15.11
OAL C7 L . 11.61 30.92 15.26
CAH C7 L . 15.27 31.44 14.93
CAG C7 L . 16.56 30.64 15.19
CAE C7 L . 17.58 30.94 16.26
CAD C7 L . 17.36 32.01 17.14
CAC C7 L . 18.26 32.33 18.14
CAB C7 L . 19.41 31.58 18.31
CAA C7 L . 19.64 30.50 17.46
CAF C7 L . 18.75 30.15 16.42
NAM C7 L . 19.01 29.09 15.59
CAN C7 L . 20.06 28.23 15.58
OAP C7 L . 20.98 28.30 16.37
CAO C7 L . 20.17 27.10 14.58
CAQ C7 L . 21.28 26.24 14.61
CAU C7 L . 19.19 26.89 13.60
CAT C7 L . 19.33 25.84 12.69
CAS C7 L . 20.42 24.99 12.72
CAR C7 L . 21.42 25.18 13.69
CAV C7 L . 22.62 24.28 13.78
FAW C7 L . 23.73 24.98 13.98
FAX C7 L . 22.76 23.55 12.68
FAY C7 L . 22.42 23.46 14.80
ZN ZN M . 11.89 29.01 15.76
K K N . -1.21 41.65 24.55
K K O . 5.67 29.73 19.53
#